data_1A4J
#
_entry.id   1A4J
#
_cell.length_a   158.900
_cell.length_b   49.330
_cell.length_c   145.000
_cell.angle_alpha   90.00
_cell.angle_beta   108.74
_cell.angle_gamma   90.00
#
_symmetry.space_group_name_H-M   'C 1 2 1'
#
loop_
_entity.id
_entity.type
_entity.pdbx_description
1 polymer 'IMMUNOGLOBULIN, DIELS ALDER CATALYTIC ANTIBODY (LIGHT CHAIN)'
2 polymer 'IMMUNOGLOBULIN, DIELS ALDER CATALYTIC ANTIBODY (HEAVY CHAIN)'
3 water water
#
loop_
_entity_poly.entity_id
_entity_poly.type
_entity_poly.pdbx_seq_one_letter_code
_entity_poly.pdbx_strand_id
1 'polypeptide(L)'
;ELVMTQTPLSLPVSLGDQASISCRSSQSLVHSNGNTYLHWYLQKPGQSPKLLIYKVSNRFSGVPDRFSGSGSGTDFTLKI
SRVEAEDLGVYFCSQSTHVPPTFGGGTKLEIKRTVAAPSVFIFPPSDEQLKSGTASVVCLLNNFYPREAKVQWKVDNALQ
SGNSQESVTEQDSKDSTYSLSSTLTLSKADYEKHKVYACEVTHQGLSSPVTKSFNRG
;
L,A
2 'polypeptide(L)'
;QVQLLESGPELKKPGETVKISCKASGYTFTNYGMNWVKQAPGKGLKWMGWINTYTGEPTYADDFKGRFAFSLETSASTAY
LQINNLKNEDTATYFCVQAERLRRTFDYWGAGTTVTVSSASTKGPSVFPLAPSSKSTSGGTAALGCLVKDYFPEPVTVSW
NSGALTSGVHTFPAVLQSSGLYSLSSVVTVPSSSLGTQTYICNVNHKPSNTKVDKKVEP
;
H,B
#
# COMPACT_ATOMS: atom_id res chain seq x y z
N GLU A 1 -52.63 -1.75 -8.42
CA GLU A 1 -51.98 -3.08 -8.59
C GLU A 1 -51.99 -3.90 -7.29
N LEU A 2 -52.28 -5.18 -7.41
CA LEU A 2 -52.31 -6.07 -6.27
C LEU A 2 -50.91 -6.65 -6.04
N VAL A 3 -50.47 -6.67 -4.79
CA VAL A 3 -49.14 -7.19 -4.46
C VAL A 3 -49.16 -8.60 -3.84
N MET A 4 -48.34 -9.48 -4.40
CA MET A 4 -48.26 -10.85 -3.91
C MET A 4 -46.89 -11.04 -3.30
N THR A 5 -46.85 -11.31 -2.00
CA THR A 5 -45.60 -11.50 -1.29
C THR A 5 -45.38 -12.97 -0.90
N GLN A 6 -44.39 -13.59 -1.55
CA GLN A 6 -44.05 -14.98 -1.27
C GLN A 6 -43.04 -15.00 -0.13
N THR A 7 -43.47 -15.55 0.99
CA THR A 7 -42.67 -15.58 2.20
C THR A 7 -41.31 -16.26 2.12
N PRO A 8 -41.28 -17.58 1.87
CA PRO A 8 -39.92 -18.14 1.81
C PRO A 8 -39.21 -17.74 0.54
N LEU A 9 -38.28 -16.79 0.63
CA LEU A 9 -37.55 -16.36 -0.55
C LEU A 9 -36.78 -17.55 -1.10
N SER A 10 -36.17 -18.30 -0.18
CA SER A 10 -35.41 -19.50 -0.52
C SER A 10 -35.82 -20.56 0.49
N LEU A 11 -36.02 -21.78 0.01
CA LEU A 11 -36.43 -22.85 0.91
C LEU A 11 -35.52 -24.05 0.80
N PRO A 12 -34.64 -24.24 1.78
CA PRO A 12 -33.73 -25.40 1.75
C PRO A 12 -34.51 -26.63 2.16
N VAL A 13 -34.32 -27.72 1.43
CA VAL A 13 -35.05 -28.93 1.75
C VAL A 13 -34.21 -30.19 1.46
N SER A 14 -34.55 -31.27 2.15
CA SER A 14 -33.87 -32.52 1.92
C SER A 14 -34.80 -33.29 1.02
N LEU A 15 -34.23 -34.01 0.06
CA LEU A 15 -35.02 -34.81 -0.88
C LEU A 15 -35.87 -35.79 -0.08
N GLY A 16 -37.10 -36.03 -0.53
CA GLY A 16 -37.97 -36.94 0.17
C GLY A 16 -38.81 -36.25 1.25
N ASP A 17 -38.39 -35.05 1.65
CA ASP A 17 -39.12 -34.29 2.67
C ASP A 17 -40.24 -33.44 2.07
N GLN A 18 -41.05 -32.85 2.93
CA GLN A 18 -42.15 -32.01 2.47
C GLN A 18 -41.73 -30.54 2.41
N ALA A 19 -42.25 -29.84 1.41
CA ALA A 19 -41.95 -28.42 1.24
C ALA A 19 -43.25 -27.63 1.30
N SER A 20 -43.18 -26.45 1.90
CA SER A 20 -44.35 -25.58 2.01
C SER A 20 -43.97 -24.14 1.68
N ILE A 21 -44.50 -23.63 0.58
CA ILE A 21 -44.25 -22.27 0.10
C ILE A 21 -45.50 -21.43 0.31
N SER A 22 -45.30 -20.21 0.81
CA SER A 22 -46.41 -19.31 1.11
C SER A 22 -46.56 -18.12 0.18
N CYS A 23 -47.81 -17.71 -0.04
CA CYS A 23 -48.14 -16.57 -0.89
C CYS A 23 -49.21 -15.73 -0.18
N ARG A 24 -48.95 -14.43 -0.05
CA ARG A 24 -49.90 -13.53 0.58
C ARG A 24 -50.20 -12.40 -0.39
N SER A 25 -51.48 -12.12 -0.62
CA SER A 25 -51.84 -11.05 -1.53
C SER A 25 -52.27 -9.77 -0.80
N SER A 26 -52.06 -8.63 -1.46
CA SER A 26 -52.41 -7.32 -0.93
C SER A 26 -53.92 -7.21 -0.65
N GLN A 27 -54.73 -7.70 -1.58
CA GLN A 27 -56.18 -7.67 -1.41
C GLN A 27 -56.72 -9.09 -1.57
N SER A 28 -57.98 -9.28 -1.21
CA SER A 28 -58.60 -10.58 -1.34
C SER A 28 -58.61 -10.92 -2.83
N LEU A 29 -58.28 -12.16 -3.16
CA LEU A 29 -58.27 -12.60 -4.55
C LEU A 29 -59.59 -13.30 -4.86
N VAL A 30 -60.57 -13.06 -4.01
CA VAL A 30 -61.89 -13.65 -4.22
C VAL A 30 -62.66 -12.76 -5.19
N HIS A 31 -62.78 -13.20 -6.43
CA HIS A 31 -63.50 -12.45 -7.44
C HIS A 31 -64.95 -12.34 -7.01
N SER A 32 -65.65 -11.31 -7.50
CA SER A 32 -67.04 -11.13 -7.14
C SER A 32 -67.93 -12.24 -7.72
N ASN A 33 -67.37 -12.98 -8.68
CA ASN A 33 -68.11 -14.08 -9.30
C ASN A 33 -67.99 -15.35 -8.45
N GLY A 34 -67.18 -15.25 -7.39
CA GLY A 34 -67.00 -16.39 -6.51
C GLY A 34 -65.61 -16.99 -6.50
N ASN A 35 -65.14 -17.43 -7.67
CA ASN A 35 -63.82 -18.04 -7.80
C ASN A 35 -62.69 -17.20 -7.21
N THR A 36 -61.57 -17.87 -6.95
CA THR A 36 -60.38 -17.22 -6.39
C THR A 36 -59.26 -17.61 -7.34
N TYR A 37 -58.93 -16.72 -8.27
CA TYR A 37 -57.91 -16.98 -9.28
C TYR A 37 -56.47 -16.81 -8.81
N LEU A 38 -56.03 -17.76 -8.00
CA LEU A 38 -54.68 -17.80 -7.46
C LEU A 38 -54.06 -19.10 -7.98
N HIS A 39 -53.01 -18.97 -8.80
CA HIS A 39 -52.33 -20.09 -9.42
C HIS A 39 -50.85 -20.21 -9.01
N TRP A 40 -50.26 -21.40 -9.21
CA TRP A 40 -48.85 -21.64 -8.86
C TRP A 40 -48.07 -22.18 -10.04
N TYR A 41 -46.90 -21.62 -10.25
CA TYR A 41 -46.03 -22.02 -11.34
C TYR A 41 -44.63 -22.38 -10.83
N LEU A 42 -43.93 -23.24 -11.57
CA LEU A 42 -42.56 -23.61 -11.21
C LEU A 42 -41.75 -23.29 -12.45
N GLN A 43 -40.61 -22.62 -12.28
CA GLN A 43 -39.76 -22.29 -13.42
C GLN A 43 -38.36 -22.85 -13.10
N LYS A 44 -37.83 -23.68 -13.98
CA LYS A 44 -36.51 -24.25 -13.77
C LYS A 44 -35.51 -23.50 -14.64
N PRO A 45 -34.26 -23.38 -14.17
CA PRO A 45 -33.21 -22.68 -14.91
C PRO A 45 -33.22 -22.96 -16.41
N GLY A 46 -33.25 -21.88 -17.20
CA GLY A 46 -33.25 -22.00 -18.64
C GLY A 46 -34.59 -22.35 -19.25
N GLN A 47 -35.56 -22.68 -18.42
CA GLN A 47 -36.89 -23.06 -18.88
C GLN A 47 -37.94 -21.98 -18.66
N SER A 48 -39.06 -22.14 -19.35
CA SER A 48 -40.16 -21.20 -19.22
C SER A 48 -40.96 -21.70 -18.04
N PRO A 49 -41.72 -20.81 -17.38
CA PRO A 49 -42.52 -21.25 -16.23
C PRO A 49 -43.50 -22.34 -16.65
N LYS A 50 -44.03 -23.06 -15.67
CA LYS A 50 -44.97 -24.13 -15.94
C LYS A 50 -46.09 -24.14 -14.92
N LEU A 51 -47.32 -24.09 -15.41
CA LEU A 51 -48.49 -24.09 -14.54
C LEU A 51 -48.65 -25.40 -13.75
N LEU A 52 -48.72 -25.28 -12.44
CA LEU A 52 -48.85 -26.44 -11.58
C LEU A 52 -50.26 -26.54 -11.00
N ILE A 53 -50.64 -25.48 -10.29
CA ILE A 53 -51.92 -25.40 -9.61
C ILE A 53 -52.70 -24.15 -10.03
N TYR A 54 -54.01 -24.31 -10.27
CA TYR A 54 -54.87 -23.18 -10.63
C TYR A 54 -56.07 -23.10 -9.68
N LYS A 55 -56.62 -21.90 -9.56
CA LYS A 55 -57.72 -21.62 -8.65
C LYS A 55 -57.52 -22.22 -7.27
N VAL A 56 -56.36 -21.93 -6.68
CA VAL A 56 -56.03 -22.37 -5.32
C VAL A 56 -55.61 -23.84 -5.10
N SER A 57 -56.40 -24.78 -5.60
CA SER A 57 -56.13 -26.21 -5.36
C SER A 57 -56.24 -27.18 -6.52
N ASN A 58 -56.58 -26.67 -7.70
CA ASN A 58 -56.72 -27.52 -8.87
C ASN A 58 -55.39 -27.81 -9.56
N ARG A 59 -55.05 -29.09 -9.65
CA ARG A 59 -53.82 -29.46 -10.30
C ARG A 59 -54.02 -29.54 -11.80
N PHE A 60 -53.18 -28.82 -12.52
CA PHE A 60 -53.21 -28.75 -13.96
C PHE A 60 -52.90 -30.15 -14.50
N SER A 61 -53.28 -30.41 -15.75
CA SER A 61 -53.07 -31.71 -16.37
C SER A 61 -51.61 -32.15 -16.43
N GLY A 62 -51.35 -33.34 -15.89
CA GLY A 62 -50.00 -33.90 -15.91
C GLY A 62 -49.16 -33.64 -14.68
N VAL A 63 -49.68 -32.81 -13.78
CA VAL A 63 -48.95 -32.49 -12.57
C VAL A 63 -49.05 -33.55 -11.46
N PRO A 64 -47.89 -34.07 -11.00
CA PRO A 64 -47.77 -35.09 -9.94
C PRO A 64 -48.61 -34.74 -8.71
N ASP A 65 -49.36 -35.71 -8.18
CA ASP A 65 -50.22 -35.46 -7.03
C ASP A 65 -49.53 -35.13 -5.72
N ARG A 66 -48.20 -35.06 -5.73
CA ARG A 66 -47.50 -34.72 -4.50
C ARG A 66 -47.57 -33.18 -4.32
N PHE A 67 -48.04 -32.51 -5.36
CA PHE A 67 -48.20 -31.05 -5.38
C PHE A 67 -49.63 -30.72 -5.02
N SER A 68 -49.83 -29.93 -3.98
CA SER A 68 -51.18 -29.57 -3.59
C SER A 68 -51.23 -28.12 -3.11
N GLY A 69 -52.39 -27.47 -3.27
CA GLY A 69 -52.53 -26.09 -2.85
C GLY A 69 -53.72 -25.79 -1.97
N SER A 70 -53.56 -24.83 -1.08
CA SER A 70 -54.62 -24.41 -0.16
C SER A 70 -54.65 -22.88 0.04
N GLY A 71 -55.62 -22.40 0.82
CA GLY A 71 -55.77 -20.97 1.07
C GLY A 71 -57.18 -20.50 0.69
N SER A 72 -57.58 -19.30 1.12
CA SER A 72 -58.93 -18.85 0.79
C SER A 72 -59.13 -17.42 0.30
N GLY A 73 -58.58 -16.45 1.01
CA GLY A 73 -58.79 -15.06 0.60
C GLY A 73 -57.53 -14.31 0.22
N THR A 74 -56.69 -14.04 1.20
CA THR A 74 -55.43 -13.35 0.94
C THR A 74 -54.22 -14.19 1.31
N ASP A 75 -54.45 -15.38 1.84
CA ASP A 75 -53.33 -16.24 2.20
C ASP A 75 -53.44 -17.62 1.58
N PHE A 76 -52.41 -18.02 0.85
CA PHE A 76 -52.37 -19.30 0.14
C PHE A 76 -51.07 -20.07 0.35
N THR A 77 -51.16 -21.40 0.26
CA THR A 77 -50.00 -22.25 0.46
C THR A 77 -49.90 -23.41 -0.54
N LEU A 78 -48.68 -23.61 -1.03
CA LEU A 78 -48.42 -24.71 -1.95
C LEU A 78 -47.60 -25.68 -1.13
N LYS A 79 -47.96 -26.95 -1.20
CA LYS A 79 -47.21 -27.97 -0.46
C LYS A 79 -46.75 -29.04 -1.42
N ILE A 80 -45.58 -29.59 -1.15
CA ILE A 80 -45.01 -30.65 -1.97
C ILE A 80 -44.60 -31.78 -1.03
N SER A 81 -45.37 -32.86 -1.01
CA SER A 81 -45.04 -34.00 -0.17
C SER A 81 -43.90 -34.72 -0.89
N ARG A 82 -42.89 -35.16 -0.16
CA ARG A 82 -41.77 -35.86 -0.78
C ARG A 82 -41.22 -35.07 -1.95
N VAL A 83 -40.20 -34.26 -1.68
CA VAL A 83 -39.58 -33.44 -2.71
C VAL A 83 -38.68 -34.31 -3.56
N GLU A 84 -38.71 -34.11 -4.87
CA GLU A 84 -37.85 -34.86 -5.78
C GLU A 84 -36.89 -33.88 -6.43
N ALA A 85 -35.80 -34.40 -6.99
CA ALA A 85 -34.80 -33.59 -7.64
C ALA A 85 -35.38 -32.75 -8.76
N GLU A 86 -36.33 -33.30 -9.49
CA GLU A 86 -36.94 -32.61 -10.61
C GLU A 86 -37.87 -31.47 -10.16
N ASP A 87 -38.12 -31.40 -8.86
CA ASP A 87 -38.96 -30.36 -8.26
C ASP A 87 -38.18 -29.08 -7.88
N LEU A 88 -36.85 -29.16 -7.96
CA LEU A 88 -36.02 -28.01 -7.61
C LEU A 88 -36.05 -26.89 -8.65
N GLY A 89 -36.38 -25.68 -8.20
CA GLY A 89 -36.45 -24.54 -9.08
C GLY A 89 -37.11 -23.39 -8.35
N VAL A 90 -37.66 -22.43 -9.09
CA VAL A 90 -38.33 -21.27 -8.49
C VAL A 90 -39.85 -21.34 -8.62
N TYR A 91 -40.55 -21.25 -7.49
CA TYR A 91 -42.00 -21.31 -7.52
C TYR A 91 -42.64 -19.92 -7.46
N PHE A 92 -43.53 -19.65 -8.40
CA PHE A 92 -44.21 -18.36 -8.43
C PHE A 92 -45.71 -18.54 -8.23
N CYS A 93 -46.30 -17.68 -7.41
CA CYS A 93 -47.74 -17.69 -7.23
C CYS A 93 -48.19 -16.56 -8.17
N SER A 94 -49.46 -16.57 -8.56
CA SER A 94 -49.95 -15.56 -9.46
C SER A 94 -51.46 -15.37 -9.32
N GLN A 95 -51.91 -14.13 -9.45
CA GLN A 95 -53.33 -13.81 -9.30
C GLN A 95 -53.88 -13.29 -10.63
N SER A 96 -55.12 -13.64 -10.91
CA SER A 96 -55.75 -13.22 -12.16
C SER A 96 -57.11 -12.64 -11.81
N THR A 97 -57.36 -12.44 -10.52
CA THR A 97 -58.64 -11.90 -10.09
C THR A 97 -58.74 -10.39 -10.35
N HIS A 98 -57.70 -9.64 -9.98
CA HIS A 98 -57.68 -8.19 -10.13
C HIS A 98 -57.07 -7.58 -11.40
N VAL A 99 -57.61 -6.42 -11.78
CA VAL A 99 -57.23 -5.64 -12.96
C VAL A 99 -56.05 -6.20 -13.76
N PRO A 100 -54.81 -5.92 -13.35
CA PRO A 100 -53.67 -6.47 -14.11
C PRO A 100 -53.15 -7.74 -13.40
N PRO A 101 -53.04 -8.86 -14.13
CA PRO A 101 -52.55 -10.10 -13.53
C PRO A 101 -51.13 -9.94 -13.01
N THR A 102 -50.93 -10.25 -11.73
CA THR A 102 -49.60 -10.11 -11.15
C THR A 102 -49.03 -11.39 -10.58
N PHE A 103 -47.71 -11.46 -10.51
CA PHE A 103 -46.97 -12.61 -9.99
C PHE A 103 -46.29 -12.31 -8.65
N GLY A 104 -46.07 -13.34 -7.85
CA GLY A 104 -45.38 -13.18 -6.59
C GLY A 104 -43.92 -13.06 -6.98
N GLY A 105 -43.03 -12.85 -6.00
CA GLY A 105 -41.61 -12.69 -6.31
C GLY A 105 -40.78 -13.95 -6.52
N GLY A 106 -41.36 -15.11 -6.26
CA GLY A 106 -40.62 -16.35 -6.45
C GLY A 106 -40.00 -16.91 -5.19
N THR A 107 -40.03 -18.24 -5.08
CA THR A 107 -39.44 -18.94 -3.95
C THR A 107 -38.55 -20.04 -4.53
N LYS A 108 -37.26 -19.97 -4.20
CA LYS A 108 -36.29 -20.93 -4.70
C LYS A 108 -36.16 -22.14 -3.78
N LEU A 109 -36.57 -23.30 -4.29
CA LEU A 109 -36.45 -24.56 -3.53
C LEU A 109 -35.01 -25.05 -3.75
N GLU A 110 -34.28 -25.31 -2.68
CA GLU A 110 -32.90 -25.77 -2.79
C GLU A 110 -32.59 -26.94 -1.88
N ILE A 111 -31.46 -27.58 -2.12
CA ILE A 111 -31.03 -28.72 -1.30
C ILE A 111 -30.37 -28.28 -0.01
N LYS A 112 -30.93 -28.72 1.10
CA LYS A 112 -30.40 -28.39 2.41
C LYS A 112 -29.37 -29.44 2.85
N ARG A 113 -28.20 -28.97 3.26
CA ARG A 113 -27.12 -29.84 3.74
C ARG A 113 -26.45 -29.24 4.96
N THR A 114 -25.30 -29.77 5.34
CA THR A 114 -24.57 -29.28 6.50
C THR A 114 -23.79 -28.01 6.19
N VAL A 115 -23.51 -27.25 7.25
CA VAL A 115 -22.78 -26.01 7.14
C VAL A 115 -21.34 -26.24 6.69
N ALA A 116 -20.92 -25.50 5.67
CA ALA A 116 -19.56 -25.60 5.16
C ALA A 116 -18.95 -24.20 5.04
N ALA A 117 -17.86 -23.96 5.78
CA ALA A 117 -17.21 -22.66 5.71
C ALA A 117 -16.47 -22.62 4.39
N PRO A 118 -16.36 -21.42 3.79
CA PRO A 118 -15.65 -21.33 2.50
C PRO A 118 -14.13 -21.43 2.60
N SER A 119 -13.50 -21.79 1.50
CA SER A 119 -12.04 -21.84 1.48
C SER A 119 -11.79 -20.52 0.77
N VAL A 120 -11.02 -19.64 1.41
CA VAL A 120 -10.76 -18.31 0.85
C VAL A 120 -9.41 -18.14 0.17
N PHE A 121 -9.46 -17.69 -1.07
CA PHE A 121 -8.25 -17.45 -1.85
C PHE A 121 -8.26 -16.02 -2.39
N ILE A 122 -7.09 -15.39 -2.44
CA ILE A 122 -6.99 -14.04 -2.96
C ILE A 122 -5.96 -13.98 -4.06
N PHE A 123 -6.32 -13.33 -5.16
CA PHE A 123 -5.42 -13.17 -6.29
C PHE A 123 -5.16 -11.70 -6.62
N PRO A 124 -3.87 -11.33 -6.75
CA PRO A 124 -3.51 -9.96 -7.09
C PRO A 124 -3.61 -9.86 -8.60
N PRO A 125 -3.55 -8.62 -9.15
CA PRO A 125 -3.65 -8.54 -10.60
C PRO A 125 -2.38 -9.09 -11.24
N SER A 126 -2.48 -9.57 -12.47
CA SER A 126 -1.31 -10.09 -13.17
C SER A 126 -0.52 -8.94 -13.80
N ASP A 127 0.76 -9.15 -14.05
CA ASP A 127 1.60 -8.13 -14.66
C ASP A 127 1.04 -7.73 -16.02
N GLU A 128 0.56 -8.72 -16.77
CA GLU A 128 0.01 -8.48 -18.10
C GLU A 128 -1.18 -7.52 -18.05
N GLN A 129 -2.03 -7.67 -17.03
CA GLN A 129 -3.18 -6.79 -16.89
C GLN A 129 -2.73 -5.39 -16.49
N LEU A 130 -1.95 -5.30 -15.42
CA LEU A 130 -1.45 -4.01 -14.96
C LEU A 130 -0.89 -3.26 -16.17
N LYS A 131 -0.13 -3.98 -16.98
CA LYS A 131 0.49 -3.43 -18.18
C LYS A 131 -0.53 -2.75 -19.12
N SER A 132 -1.81 -2.96 -18.85
CA SER A 132 -2.86 -2.37 -19.68
C SER A 132 -3.67 -1.29 -18.96
N GLY A 133 -3.14 -0.79 -17.84
CA GLY A 133 -3.83 0.27 -17.13
C GLY A 133 -4.87 -0.10 -16.10
N THR A 134 -5.19 -1.39 -16.00
CA THR A 134 -6.18 -1.85 -15.04
C THR A 134 -5.57 -2.78 -14.01
N ALA A 135 -6.31 -3.02 -12.92
CA ALA A 135 -5.85 -3.92 -11.88
C ALA A 135 -7.06 -4.57 -11.23
N SER A 136 -7.24 -5.87 -11.49
CA SER A 136 -8.34 -6.58 -10.88
C SER A 136 -7.79 -7.48 -9.79
N VAL A 137 -8.41 -7.40 -8.63
CA VAL A 137 -8.05 -8.22 -7.50
C VAL A 137 -9.26 -9.13 -7.30
N VAL A 138 -9.01 -10.44 -7.27
CA VAL A 138 -10.09 -11.43 -7.12
C VAL A 138 -10.03 -12.19 -5.79
N CYS A 139 -11.18 -12.28 -5.13
CA CYS A 139 -11.29 -12.99 -3.88
C CYS A 139 -12.24 -14.17 -4.14
N LEU A 140 -11.77 -15.39 -3.87
CA LEU A 140 -12.59 -16.59 -4.11
C LEU A 140 -13.06 -17.26 -2.82
N LEU A 141 -14.36 -17.53 -2.73
CA LEU A 141 -14.92 -18.23 -1.57
C LEU A 141 -15.39 -19.59 -2.11
N ASN A 142 -14.64 -20.64 -1.78
CA ASN A 142 -14.93 -21.98 -2.32
C ASN A 142 -15.80 -22.95 -1.53
N ASN A 143 -16.76 -23.52 -2.24
CA ASN A 143 -17.67 -24.53 -1.70
C ASN A 143 -18.15 -24.33 -0.27
N PHE A 144 -19.05 -23.35 -0.09
CA PHE A 144 -19.57 -23.06 1.25
C PHE A 144 -21.07 -23.23 1.32
N TYR A 145 -21.60 -23.25 2.55
CA TYR A 145 -23.04 -23.40 2.74
C TYR A 145 -23.36 -22.98 4.17
N PRO A 146 -24.46 -22.23 4.36
CA PRO A 146 -25.44 -21.74 3.37
C PRO A 146 -24.87 -20.71 2.41
N ARG A 147 -25.70 -20.20 1.52
CA ARG A 147 -25.23 -19.23 0.53
C ARG A 147 -24.76 -17.90 1.11
N GLU A 148 -25.33 -17.51 2.24
CA GLU A 148 -24.99 -16.25 2.88
C GLU A 148 -23.52 -16.18 3.25
N ALA A 149 -22.87 -15.13 2.77
CA ALA A 149 -21.47 -14.89 3.05
C ALA A 149 -21.30 -13.39 3.00
N LYS A 150 -20.18 -12.91 3.54
CA LYS A 150 -19.90 -11.49 3.54
C LYS A 150 -18.44 -11.28 3.23
N VAL A 151 -18.18 -10.60 2.12
CA VAL A 151 -16.80 -10.33 1.70
C VAL A 151 -16.53 -8.83 1.70
N GLN A 152 -15.75 -8.38 2.65
CA GLN A 152 -15.41 -6.97 2.77
C GLN A 152 -13.98 -6.74 2.32
N TRP A 153 -13.80 -5.82 1.38
CA TRP A 153 -12.46 -5.52 0.88
C TRP A 153 -11.85 -4.41 1.72
N LYS A 154 -10.52 -4.41 1.80
CA LYS A 154 -9.78 -3.41 2.55
C LYS A 154 -8.48 -3.10 1.83
N VAL A 155 -8.22 -1.82 1.56
CA VAL A 155 -6.99 -1.40 0.89
C VAL A 155 -6.24 -0.58 1.94
N ASP A 156 -5.14 -1.13 2.46
CA ASP A 156 -4.36 -0.47 3.50
C ASP A 156 -5.29 -0.16 4.66
N ASN A 157 -6.04 -1.18 5.05
CA ASN A 157 -6.99 -1.14 6.15
C ASN A 157 -8.24 -0.30 5.94
N ALA A 158 -8.30 0.44 4.83
CA ALA A 158 -9.46 1.26 4.54
C ALA A 158 -10.50 0.42 3.84
N LEU A 159 -11.68 0.33 4.46
CA LEU A 159 -12.79 -0.45 3.92
C LEU A 159 -13.26 0.11 2.59
N GLN A 160 -13.37 -0.77 1.59
CA GLN A 160 -13.80 -0.40 0.26
C GLN A 160 -15.30 -0.51 0.12
N SER A 161 -15.85 0.21 -0.85
CA SER A 161 -17.27 0.16 -1.11
C SER A 161 -17.55 0.68 -2.50
N GLY A 162 -18.49 0.03 -3.18
CA GLY A 162 -18.87 0.44 -4.51
C GLY A 162 -17.90 0.13 -5.63
N ASN A 163 -16.69 -0.33 -5.33
CA ASN A 163 -15.76 -0.65 -6.41
C ASN A 163 -15.52 -2.15 -6.61
N SER A 164 -16.48 -2.97 -6.21
CA SER A 164 -16.33 -4.41 -6.40
C SER A 164 -17.63 -5.09 -6.88
N GLN A 165 -17.49 -6.16 -7.66
CA GLN A 165 -18.64 -6.91 -8.16
C GLN A 165 -18.41 -8.38 -7.80
N GLU A 166 -19.47 -9.06 -7.38
CA GLU A 166 -19.36 -10.47 -7.02
C GLU A 166 -20.35 -11.36 -7.75
N SER A 167 -19.89 -12.56 -8.07
CA SER A 167 -20.68 -13.57 -8.79
C SER A 167 -20.78 -14.81 -7.92
N VAL A 168 -21.89 -15.55 -8.02
CA VAL A 168 -22.07 -16.78 -7.24
C VAL A 168 -22.58 -17.94 -8.10
N THR A 169 -22.02 -19.14 -7.91
CA THR A 169 -22.46 -20.30 -8.68
C THR A 169 -23.75 -20.90 -8.14
N GLU A 170 -24.39 -21.74 -8.95
CA GLU A 170 -25.62 -22.40 -8.54
C GLU A 170 -25.18 -23.53 -7.62
N GLN A 171 -26.06 -23.95 -6.71
CA GLN A 171 -25.72 -25.03 -5.79
C GLN A 171 -25.10 -26.17 -6.60
N ASP A 172 -24.00 -26.71 -6.10
CA ASP A 172 -23.32 -27.81 -6.78
C ASP A 172 -24.16 -29.09 -6.74
N SER A 173 -24.19 -29.81 -7.84
CA SER A 173 -24.97 -31.04 -7.95
C SER A 173 -24.48 -32.14 -7.00
N LYS A 174 -23.17 -32.33 -6.92
CA LYS A 174 -22.60 -33.36 -6.05
C LYS A 174 -22.61 -32.99 -4.57
N ASP A 175 -21.99 -31.87 -4.20
CA ASP A 175 -21.95 -31.51 -2.79
C ASP A 175 -22.92 -30.44 -2.28
N SER A 176 -23.79 -29.93 -3.16
CA SER A 176 -24.77 -28.97 -2.70
C SER A 176 -24.25 -27.64 -2.10
N THR A 177 -22.98 -27.30 -2.37
CA THR A 177 -22.41 -26.06 -1.84
C THR A 177 -22.52 -24.96 -2.89
N TYR A 178 -21.99 -23.79 -2.56
CA TYR A 178 -21.99 -22.64 -3.45
C TYR A 178 -20.58 -22.12 -3.46
N SER A 179 -20.23 -21.41 -4.52
CA SER A 179 -18.90 -20.81 -4.60
C SER A 179 -19.18 -19.37 -5.04
N LEU A 180 -18.26 -18.47 -4.72
CA LEU A 180 -18.45 -17.06 -5.05
C LEU A 180 -17.12 -16.37 -5.33
N SER A 181 -17.13 -15.44 -6.29
CA SER A 181 -15.93 -14.67 -6.62
C SER A 181 -16.29 -13.21 -6.45
N SER A 182 -15.40 -12.44 -5.80
CA SER A 182 -15.62 -11.02 -5.62
C SER A 182 -14.43 -10.35 -6.28
N THR A 183 -14.69 -9.46 -7.22
CA THR A 183 -13.61 -8.79 -7.91
C THR A 183 -13.57 -7.31 -7.55
N LEU A 184 -12.38 -6.86 -7.13
CA LEU A 184 -12.17 -5.46 -6.76
C LEU A 184 -11.47 -4.84 -7.96
N THR A 185 -12.07 -3.82 -8.54
CA THR A 185 -11.41 -3.23 -9.69
C THR A 185 -10.88 -1.82 -9.42
N LEU A 186 -9.63 -1.57 -9.81
CA LEU A 186 -9.00 -0.25 -9.63
C LEU A 186 -8.12 0.10 -10.81
N SER A 187 -7.87 1.39 -10.98
CA SER A 187 -7.01 1.82 -12.06
C SER A 187 -5.62 1.41 -11.58
N LYS A 188 -4.69 1.25 -12.51
CA LYS A 188 -3.33 0.84 -12.17
C LYS A 188 -2.71 1.86 -11.23
N ALA A 189 -2.88 3.15 -11.53
CA ALA A 189 -2.30 4.19 -10.69
C ALA A 189 -2.82 4.10 -9.25
N ASP A 190 -4.13 4.02 -9.10
CA ASP A 190 -4.72 3.92 -7.77
C ASP A 190 -4.22 2.66 -7.09
N TYR A 191 -4.06 1.59 -7.87
CA TYR A 191 -3.59 0.30 -7.37
C TYR A 191 -2.18 0.42 -6.83
N GLU A 192 -1.34 1.15 -7.56
CA GLU A 192 0.05 1.34 -7.18
C GLU A 192 0.14 2.42 -6.11
N LYS A 193 -1.01 2.95 -5.73
CA LYS A 193 -1.07 3.99 -4.70
C LYS A 193 -1.23 3.39 -3.30
N HIS A 194 -1.39 2.07 -3.22
CA HIS A 194 -1.57 1.43 -1.92
C HIS A 194 -0.75 0.16 -1.69
N LYS A 195 -0.69 -0.24 -0.44
CA LYS A 195 0.08 -1.40 0.01
C LYS A 195 -0.70 -2.69 0.17
N VAL A 196 -1.40 -2.83 1.30
CA VAL A 196 -2.14 -4.05 1.59
C VAL A 196 -3.53 -4.12 0.99
N TYR A 197 -3.78 -5.25 0.34
CA TYR A 197 -5.06 -5.54 -0.29
C TYR A 197 -5.56 -6.80 0.41
N ALA A 198 -6.74 -6.72 1.00
CA ALA A 198 -7.29 -7.86 1.71
C ALA A 198 -8.79 -7.98 1.65
N CYS A 199 -9.28 -9.20 1.51
CA CYS A 199 -10.71 -9.43 1.50
C CYS A 199 -10.99 -10.22 2.76
N GLU A 200 -11.99 -9.78 3.50
CA GLU A 200 -12.38 -10.42 4.74
C GLU A 200 -13.69 -11.11 4.52
N VAL A 201 -13.67 -12.43 4.64
CA VAL A 201 -14.87 -13.21 4.45
C VAL A 201 -15.44 -13.52 5.81
N THR A 202 -16.76 -13.36 5.95
CA THR A 202 -17.41 -13.66 7.20
C THR A 202 -18.62 -14.52 6.87
N HIS A 203 -18.47 -15.83 7.07
CA HIS A 203 -19.53 -16.80 6.76
C HIS A 203 -19.94 -17.58 8.01
N GLN A 204 -21.21 -17.96 8.07
CA GLN A 204 -21.75 -18.70 9.20
C GLN A 204 -20.91 -19.93 9.58
N GLY A 205 -20.06 -20.39 8.67
CA GLY A 205 -19.24 -21.55 8.94
C GLY A 205 -17.88 -21.23 9.54
N LEU A 206 -17.52 -19.94 9.55
CA LEU A 206 -16.25 -19.53 10.10
C LEU A 206 -16.48 -19.13 11.56
N SER A 207 -15.49 -19.41 12.41
CA SER A 207 -15.58 -19.07 13.83
C SER A 207 -15.57 -17.56 13.97
N SER A 208 -14.65 -16.93 13.24
CA SER A 208 -14.50 -15.49 13.21
C SER A 208 -14.13 -15.13 11.78
N PRO A 209 -14.58 -13.97 11.28
CA PRO A 209 -14.25 -13.59 9.91
C PRO A 209 -12.81 -13.91 9.54
N VAL A 210 -12.61 -14.51 8.39
CA VAL A 210 -11.27 -14.87 7.92
C VAL A 210 -10.86 -13.86 6.85
N THR A 211 -9.59 -13.47 6.85
CA THR A 211 -9.10 -12.53 5.86
C THR A 211 -7.82 -13.01 5.20
N LYS A 212 -7.79 -12.95 3.88
CA LYS A 212 -6.61 -13.34 3.12
C LYS A 212 -6.07 -12.06 2.47
N SER A 213 -4.75 -11.94 2.36
CA SER A 213 -4.21 -10.72 1.77
C SER A 213 -2.82 -10.84 1.17
N PHE A 214 -2.41 -9.77 0.51
CA PHE A 214 -1.09 -9.63 -0.09
C PHE A 214 -0.79 -8.15 0.09
N ASN A 215 0.29 -7.63 -0.47
CA ASN A 215 0.54 -6.21 -0.29
C ASN A 215 1.34 -5.47 -1.36
N ARG A 216 1.89 -6.19 -2.34
CA ARG A 216 2.64 -5.51 -3.39
C ARG A 216 1.73 -4.53 -4.14
N GLY A 217 2.19 -4.02 -5.28
CA GLY A 217 1.38 -3.09 -6.05
C GLY A 217 1.55 -1.65 -5.62
N GLN B 1 -50.46 -30.32 -27.21
CA GLN B 1 -49.13 -29.70 -27.49
C GLN B 1 -49.11 -28.23 -27.07
N VAL B 2 -50.12 -27.48 -27.52
CA VAL B 2 -50.22 -26.06 -27.21
C VAL B 2 -48.88 -25.39 -27.54
N GLN B 3 -48.04 -26.16 -28.23
CA GLN B 3 -46.71 -25.72 -28.64
C GLN B 3 -46.62 -24.23 -28.94
N LEU B 4 -45.55 -23.62 -28.43
CA LEU B 4 -45.27 -22.21 -28.63
C LEU B 4 -43.80 -22.08 -28.93
N LEU B 5 -43.50 -21.77 -30.18
CA LEU B 5 -42.12 -21.65 -30.63
C LEU B 5 -41.75 -20.19 -30.94
N GLU B 6 -40.84 -19.63 -30.12
CA GLU B 6 -40.38 -18.25 -30.25
C GLU B 6 -39.17 -18.11 -31.15
N SER B 7 -38.93 -16.87 -31.61
CA SER B 7 -37.81 -16.58 -32.49
C SER B 7 -36.49 -16.54 -31.70
N GLY B 8 -35.37 -16.55 -32.43
CA GLY B 8 -34.04 -16.57 -31.78
C GLY B 8 -33.69 -15.35 -30.92
N PRO B 9 -32.54 -15.36 -30.24
CA PRO B 9 -32.10 -14.26 -29.39
C PRO B 9 -31.79 -13.01 -30.23
N GLU B 10 -32.00 -11.84 -29.63
CA GLU B 10 -31.78 -10.58 -30.34
C GLU B 10 -30.78 -9.66 -29.65
N LEU B 11 -29.86 -9.11 -30.42
CA LEU B 11 -28.85 -8.18 -29.92
C LEU B 11 -29.16 -6.85 -30.61
N LYS B 12 -29.55 -5.83 -29.83
CA LYS B 12 -29.90 -4.51 -30.36
C LYS B 12 -29.15 -3.36 -29.69
N LYS B 13 -29.20 -2.20 -30.35
CA LYS B 13 -28.59 -0.95 -29.86
C LYS B 13 -29.74 -0.01 -29.48
N PRO B 14 -29.53 0.88 -28.48
CA PRO B 14 -30.59 1.81 -28.06
C PRO B 14 -31.26 2.55 -29.22
N GLY B 15 -32.58 2.72 -29.14
CA GLY B 15 -33.31 3.43 -30.19
C GLY B 15 -33.78 2.62 -31.40
N GLU B 16 -33.30 1.38 -31.51
CA GLU B 16 -33.69 0.53 -32.62
C GLU B 16 -35.04 -0.11 -32.31
N THR B 17 -35.54 -0.92 -33.23
CA THR B 17 -36.82 -1.64 -33.06
C THR B 17 -36.58 -3.14 -33.17
N VAL B 18 -37.34 -3.93 -32.40
CA VAL B 18 -37.24 -5.39 -32.46
C VAL B 18 -38.64 -5.97 -32.67
N LYS B 19 -38.70 -7.10 -33.37
CA LYS B 19 -39.94 -7.81 -33.60
C LYS B 19 -39.69 -9.29 -33.28
N ILE B 20 -40.32 -9.76 -32.21
CA ILE B 20 -40.20 -11.15 -31.78
C ILE B 20 -41.46 -11.89 -32.23
N SER B 21 -41.32 -13.15 -32.63
CA SER B 21 -42.48 -13.92 -33.06
C SER B 21 -42.71 -15.12 -32.15
N CYS B 22 -43.95 -15.62 -32.20
CA CYS B 22 -44.35 -16.78 -31.42
C CYS B 22 -45.35 -17.58 -32.26
N LYS B 23 -44.89 -18.69 -32.81
CA LYS B 23 -45.74 -19.55 -33.63
C LYS B 23 -46.41 -20.58 -32.74
N ALA B 24 -47.73 -20.61 -32.80
CA ALA B 24 -48.50 -21.55 -32.02
C ALA B 24 -49.18 -22.53 -32.96
N SER B 25 -49.60 -23.68 -32.43
CA SER B 25 -50.26 -24.67 -33.27
C SER B 25 -51.70 -24.20 -33.48
N GLY B 26 -52.18 -24.32 -34.72
CA GLY B 26 -53.55 -23.91 -35.01
C GLY B 26 -54.55 -24.70 -34.17
N TYR B 27 -55.69 -25.02 -34.75
CA TYR B 27 -56.74 -25.78 -34.06
C TYR B 27 -56.77 -25.56 -32.55
N THR B 28 -56.62 -24.32 -32.13
CA THR B 28 -56.63 -23.96 -30.70
C THR B 28 -56.08 -22.55 -30.51
N PHE B 29 -55.60 -21.97 -31.61
CA PHE B 29 -55.07 -20.61 -31.62
C PHE B 29 -56.09 -19.61 -31.09
N THR B 30 -57.31 -19.64 -31.64
CA THR B 30 -58.35 -18.72 -31.19
C THR B 30 -59.02 -19.18 -29.89
N ASN B 31 -58.49 -20.23 -29.27
CA ASN B 31 -59.10 -20.69 -28.03
C ASN B 31 -58.41 -20.15 -26.77
N TYR B 32 -57.38 -19.33 -26.96
CA TYR B 32 -56.66 -18.74 -25.84
C TYR B 32 -56.37 -17.27 -26.09
N GLY B 33 -56.13 -16.53 -25.02
CA GLY B 33 -55.76 -15.13 -25.16
C GLY B 33 -54.25 -15.23 -25.26
N MET B 34 -53.63 -14.44 -26.14
CA MET B 34 -52.19 -14.47 -26.28
C MET B 34 -51.55 -13.33 -25.47
N ASN B 35 -51.03 -13.69 -24.30
CA ASN B 35 -50.39 -12.73 -23.42
C ASN B 35 -48.90 -12.66 -23.63
N TRP B 36 -48.27 -11.68 -23.01
CA TRP B 36 -46.83 -11.50 -23.12
C TRP B 36 -46.30 -11.07 -21.77
N VAL B 37 -45.24 -11.71 -21.29
CA VAL B 37 -44.66 -11.31 -20.01
C VAL B 37 -43.14 -11.21 -20.14
N LYS B 38 -42.61 -10.19 -19.45
CA LYS B 38 -41.19 -9.89 -19.53
C LYS B 38 -40.54 -10.36 -18.26
N GLN B 39 -39.28 -10.77 -18.36
CA GLN B 39 -38.53 -11.21 -17.19
C GLN B 39 -37.16 -10.64 -17.38
N ALA B 40 -36.86 -9.59 -16.61
CA ALA B 40 -35.54 -8.97 -16.67
C ALA B 40 -34.59 -9.86 -15.89
N PRO B 41 -33.33 -9.94 -16.35
CA PRO B 41 -32.32 -10.76 -15.67
C PRO B 41 -32.46 -10.76 -14.15
N GLY B 42 -32.81 -11.91 -13.59
CA GLY B 42 -32.97 -12.04 -12.15
C GLY B 42 -34.07 -11.20 -11.53
N LYS B 43 -35.02 -10.73 -12.35
CA LYS B 43 -36.11 -9.94 -11.81
C LYS B 43 -37.37 -10.77 -11.81
N GLY B 44 -38.48 -10.20 -11.32
CA GLY B 44 -39.72 -10.97 -11.29
C GLY B 44 -40.30 -11.21 -12.67
N LEU B 45 -41.60 -11.49 -12.72
CA LEU B 45 -42.29 -11.69 -13.99
C LEU B 45 -43.27 -10.53 -14.11
N LYS B 46 -43.22 -9.81 -15.23
CA LYS B 46 -44.09 -8.66 -15.45
C LYS B 46 -45.02 -8.84 -16.63
N TRP B 47 -46.32 -8.84 -16.36
CA TRP B 47 -47.31 -9.01 -17.44
C TRP B 47 -47.30 -7.74 -18.26
N MET B 48 -47.15 -7.90 -19.57
CA MET B 48 -47.13 -6.76 -20.47
C MET B 48 -48.47 -6.48 -21.09
N GLY B 49 -49.26 -7.54 -21.23
CA GLY B 49 -50.57 -7.40 -21.83
C GLY B 49 -50.89 -8.60 -22.71
N TRP B 50 -51.97 -8.49 -23.46
CA TRP B 50 -52.39 -9.57 -24.36
C TRP B 50 -53.17 -9.05 -25.55
N ILE B 51 -53.34 -9.93 -26.52
CA ILE B 51 -54.09 -9.60 -27.71
C ILE B 51 -55.13 -10.68 -28.03
N ASN B 52 -56.33 -10.24 -28.35
CA ASN B 52 -57.45 -11.13 -28.67
C ASN B 52 -57.21 -11.80 -30.01
N THR B 53 -57.16 -13.13 -30.00
CA THR B 53 -56.91 -13.88 -31.23
C THR B 53 -58.18 -14.07 -32.06
N TYR B 54 -59.31 -13.67 -31.50
CA TYR B 54 -60.60 -13.79 -32.16
C TYR B 54 -61.02 -12.45 -32.79
N THR B 55 -60.48 -11.35 -32.28
CA THR B 55 -60.79 -10.01 -32.79
C THR B 55 -59.56 -9.21 -33.19
N GLY B 56 -58.41 -9.56 -32.62
CA GLY B 56 -57.19 -8.86 -32.95
C GLY B 56 -56.98 -7.60 -32.14
N GLU B 57 -57.73 -7.40 -31.06
CA GLU B 57 -57.59 -6.21 -30.22
C GLU B 57 -56.61 -6.37 -29.05
N PRO B 58 -55.61 -5.46 -28.98
CA PRO B 58 -54.61 -5.51 -27.91
C PRO B 58 -55.02 -4.74 -26.67
N THR B 59 -54.53 -5.20 -25.54
CA THR B 59 -54.78 -4.54 -24.28
C THR B 59 -53.37 -4.45 -23.67
N TYR B 60 -52.91 -3.23 -23.43
CA TYR B 60 -51.57 -3.05 -22.88
C TYR B 60 -51.60 -2.72 -21.40
N ALA B 61 -50.65 -3.29 -20.66
CA ALA B 61 -50.55 -3.01 -19.24
C ALA B 61 -50.01 -1.57 -19.14
N ASP B 62 -50.37 -0.88 -18.07
CA ASP B 62 -49.95 0.49 -17.87
C ASP B 62 -48.47 0.73 -18.14
N ASP B 63 -47.63 -0.17 -17.66
CA ASP B 63 -46.18 -0.04 -17.84
C ASP B 63 -45.66 -0.27 -19.24
N PHE B 64 -46.54 -0.67 -20.16
CA PHE B 64 -46.09 -0.93 -21.52
C PHE B 64 -46.92 -0.28 -22.60
N LYS B 65 -47.40 0.92 -22.28
CA LYS B 65 -48.20 1.70 -23.19
C LYS B 65 -47.31 2.76 -23.82
N GLY B 66 -46.96 2.58 -25.09
CA GLY B 66 -46.12 3.55 -25.75
C GLY B 66 -45.15 3.02 -26.80
N ARG B 67 -44.22 2.17 -26.40
CA ARG B 67 -43.27 1.67 -27.38
C ARG B 67 -43.50 0.18 -27.69
N PHE B 68 -44.66 -0.35 -27.27
CA PHE B 68 -44.97 -1.79 -27.48
C PHE B 68 -46.20 -2.00 -28.35
N ALA B 69 -46.08 -2.94 -29.28
CA ALA B 69 -47.12 -3.25 -30.22
C ALA B 69 -47.36 -4.77 -30.36
N PHE B 70 -48.58 -5.20 -30.00
CA PHE B 70 -48.99 -6.62 -30.07
C PHE B 70 -49.69 -6.82 -31.41
N SER B 71 -49.26 -7.83 -32.17
CA SER B 71 -49.84 -8.13 -33.46
C SER B 71 -50.01 -9.65 -33.66
N LEU B 72 -50.79 -10.00 -34.66
CA LEU B 72 -51.06 -11.41 -34.97
C LEU B 72 -51.12 -11.70 -36.47
N GLU B 73 -50.81 -12.94 -36.82
CA GLU B 73 -50.86 -13.40 -38.19
C GLU B 73 -51.71 -14.65 -38.11
N THR B 74 -53.01 -14.47 -37.93
CA THR B 74 -53.96 -15.59 -37.80
C THR B 74 -53.80 -16.67 -38.87
N SER B 75 -53.29 -16.29 -40.03
CA SER B 75 -53.06 -17.25 -41.11
C SER B 75 -51.94 -18.21 -40.71
N ALA B 76 -50.79 -17.65 -40.31
CA ALA B 76 -49.66 -18.47 -39.91
C ALA B 76 -49.71 -18.87 -38.45
N SER B 77 -50.85 -18.63 -37.79
CA SER B 77 -51.02 -18.99 -36.38
C SER B 77 -49.87 -18.38 -35.55
N THR B 78 -49.36 -17.22 -36.01
CA THR B 78 -48.24 -16.55 -35.36
C THR B 78 -48.57 -15.20 -34.71
N ALA B 79 -48.03 -15.01 -33.51
CA ALA B 79 -48.21 -13.78 -32.73
C ALA B 79 -46.88 -13.03 -32.68
N TYR B 80 -46.91 -11.70 -32.73
CA TYR B 80 -45.68 -10.90 -32.70
C TYR B 80 -45.66 -9.81 -31.65
N LEU B 81 -44.46 -9.47 -31.19
CA LEU B 81 -44.25 -8.42 -30.21
C LEU B 81 -43.19 -7.50 -30.81
N GLN B 82 -43.49 -6.21 -30.87
CA GLN B 82 -42.55 -5.25 -31.40
C GLN B 82 -42.27 -4.15 -30.36
N ILE B 83 -41.01 -3.82 -30.18
CA ILE B 83 -40.59 -2.79 -29.22
C ILE B 83 -39.75 -1.83 -30.02
N ASN B 84 -40.16 -0.56 -30.07
CA ASN B 84 -39.37 0.42 -30.82
C ASN B 84 -38.68 1.37 -29.85
N ASN B 85 -37.69 2.11 -30.34
CA ASN B 85 -36.92 3.03 -29.51
C ASN B 85 -36.43 2.29 -28.27
N LEU B 86 -35.82 1.14 -28.53
CA LEU B 86 -35.28 0.21 -27.53
C LEU B 86 -34.37 0.89 -26.50
N LYS B 87 -34.49 0.46 -25.24
CA LYS B 87 -33.68 0.97 -24.14
C LYS B 87 -32.92 -0.19 -23.45
N ASN B 88 -31.85 0.13 -22.71
CA ASN B 88 -31.08 -0.89 -22.00
C ASN B 88 -32.01 -1.68 -21.09
N GLU B 89 -32.96 -0.96 -20.47
CA GLU B 89 -33.91 -1.55 -19.54
C GLU B 89 -34.90 -2.50 -20.18
N ASP B 90 -34.89 -2.56 -21.51
CA ASP B 90 -35.74 -3.53 -22.24
C ASP B 90 -35.05 -4.89 -22.29
N THR B 91 -33.75 -4.91 -21.96
CA THR B 91 -32.97 -6.14 -21.94
C THR B 91 -33.72 -7.11 -21.03
N ALA B 92 -34.18 -8.23 -21.59
CA ALA B 92 -34.92 -9.22 -20.83
C ALA B 92 -35.25 -10.42 -21.74
N THR B 93 -36.01 -11.34 -21.18
CA THR B 93 -36.43 -12.52 -21.91
C THR B 93 -37.91 -12.35 -22.03
N TYR B 94 -38.44 -12.38 -23.25
CA TYR B 94 -39.89 -12.18 -23.39
C TYR B 94 -40.64 -13.47 -23.68
N PHE B 95 -41.64 -13.76 -22.86
CA PHE B 95 -42.43 -14.97 -23.01
C PHE B 95 -43.76 -14.64 -23.65
N CYS B 96 -44.15 -15.51 -24.57
CA CYS B 96 -45.41 -15.45 -25.26
C CYS B 96 -46.14 -16.58 -24.49
N VAL B 97 -47.28 -16.25 -23.88
CA VAL B 97 -48.05 -17.17 -23.05
C VAL B 97 -49.52 -17.31 -23.47
N GLN B 98 -49.98 -18.53 -23.66
CA GLN B 98 -51.38 -18.74 -24.03
C GLN B 98 -52.18 -18.87 -22.74
N ALA B 99 -53.30 -18.16 -22.67
CA ALA B 99 -54.17 -18.14 -21.50
C ALA B 99 -55.59 -18.56 -21.81
N GLU B 100 -56.21 -19.24 -20.86
CA GLU B 100 -57.59 -19.69 -20.97
C GLU B 100 -58.52 -18.79 -20.14
N ARG B 101 -59.65 -18.42 -20.72
CA ARG B 101 -60.64 -17.54 -20.10
C ARG B 101 -61.33 -18.02 -18.82
N LEU B 102 -61.80 -19.27 -18.82
CA LEU B 102 -62.50 -19.81 -17.66
C LEU B 102 -61.61 -19.92 -16.43
N ARG B 103 -60.47 -20.57 -16.59
CA ARG B 103 -59.54 -20.75 -15.50
C ARG B 103 -58.77 -19.46 -15.25
N ARG B 104 -58.62 -18.67 -16.30
CA ARG B 104 -57.91 -17.39 -16.21
C ARG B 104 -56.48 -17.69 -15.76
N THR B 105 -55.87 -18.67 -16.42
CA THR B 105 -54.51 -19.09 -16.13
C THR B 105 -53.61 -18.96 -17.33
N PHE B 106 -52.31 -18.93 -17.05
CA PHE B 106 -51.27 -18.87 -18.07
C PHE B 106 -50.89 -20.35 -18.28
N ASP B 107 -51.64 -21.03 -19.15
CA ASP B 107 -51.47 -22.46 -19.42
C ASP B 107 -50.18 -22.89 -20.10
N TYR B 108 -49.93 -22.39 -21.30
CA TYR B 108 -48.71 -22.75 -22.00
C TYR B 108 -47.79 -21.55 -22.21
N TRP B 109 -46.51 -21.73 -21.90
CA TRP B 109 -45.53 -20.67 -22.07
C TRP B 109 -44.54 -21.01 -23.18
N GLY B 110 -44.16 -20.00 -23.96
CA GLY B 110 -43.18 -20.22 -25.00
C GLY B 110 -41.83 -20.41 -24.33
N ALA B 111 -40.81 -20.67 -25.12
CA ALA B 111 -39.46 -20.87 -24.57
C ALA B 111 -38.88 -19.55 -24.04
N GLY B 112 -39.32 -18.44 -24.63
CA GLY B 112 -38.82 -17.15 -24.21
C GLY B 112 -37.77 -16.66 -25.18
N THR B 113 -37.89 -15.41 -25.60
CA THR B 113 -36.91 -14.84 -26.50
C THR B 113 -36.11 -13.77 -25.73
N THR B 114 -34.80 -13.92 -25.78
CA THR B 114 -33.91 -13.03 -25.09
C THR B 114 -33.54 -11.85 -25.96
N VAL B 115 -33.72 -10.66 -25.40
CA VAL B 115 -33.39 -9.44 -26.12
C VAL B 115 -32.34 -8.67 -25.32
N THR B 116 -31.21 -8.37 -25.95
CA THR B 116 -30.15 -7.63 -25.28
C THR B 116 -29.91 -6.28 -25.96
N VAL B 117 -30.19 -5.18 -25.25
CA VAL B 117 -30.00 -3.84 -25.80
C VAL B 117 -28.72 -3.21 -25.27
N SER B 118 -27.82 -2.88 -26.18
CA SER B 118 -26.54 -2.32 -25.75
C SER B 118 -25.86 -1.57 -26.88
N SER B 119 -25.05 -0.58 -26.52
CA SER B 119 -24.31 0.24 -27.47
C SER B 119 -22.90 -0.35 -27.69
N ALA B 120 -22.53 -1.31 -26.87
CA ALA B 120 -21.20 -1.92 -26.99
C ALA B 120 -21.00 -2.62 -28.32
N SER B 121 -19.76 -2.62 -28.77
CA SER B 121 -19.38 -3.26 -30.01
C SER B 121 -18.79 -4.64 -29.70
N THR B 122 -18.92 -5.57 -30.64
CA THR B 122 -18.38 -6.91 -30.45
C THR B 122 -16.90 -6.80 -30.06
N LYS B 123 -16.51 -7.49 -28.99
CA LYS B 123 -15.14 -7.44 -28.52
C LYS B 123 -14.71 -8.74 -27.86
N GLY B 124 -13.56 -9.25 -28.29
CA GLY B 124 -13.05 -10.48 -27.72
C GLY B 124 -12.49 -10.17 -26.34
N PRO B 125 -12.47 -11.15 -25.44
CA PRO B 125 -11.94 -10.89 -24.11
C PRO B 125 -10.42 -10.94 -24.02
N SER B 126 -9.93 -10.43 -22.90
CA SER B 126 -8.51 -10.47 -22.57
C SER B 126 -8.52 -11.54 -21.48
N VAL B 127 -7.56 -12.45 -21.52
CA VAL B 127 -7.48 -13.53 -20.55
C VAL B 127 -6.24 -13.40 -19.69
N PHE B 128 -6.45 -13.25 -18.39
CA PHE B 128 -5.36 -13.09 -17.45
C PHE B 128 -5.33 -14.24 -16.45
N PRO B 129 -4.13 -14.69 -16.09
CA PRO B 129 -4.02 -15.78 -15.11
C PRO B 129 -4.35 -15.36 -13.71
N LEU B 130 -4.86 -16.30 -12.93
CA LEU B 130 -5.18 -16.11 -11.52
C LEU B 130 -4.22 -17.13 -10.89
N ALA B 131 -2.95 -16.72 -10.77
CA ALA B 131 -1.89 -17.59 -10.25
C ALA B 131 -2.08 -18.19 -8.87
N PRO B 132 -1.76 -19.49 -8.73
CA PRO B 132 -1.88 -20.19 -7.44
C PRO B 132 -0.88 -19.59 -6.44
N SER B 133 -1.32 -19.41 -5.20
CA SER B 133 -0.47 -18.85 -4.15
C SER B 133 0.96 -19.39 -4.26
N SER B 134 1.90 -18.48 -4.56
CA SER B 134 3.30 -18.84 -4.71
C SER B 134 4.00 -18.85 -3.35
N LYS B 135 3.81 -17.79 -2.57
CA LYS B 135 4.42 -17.69 -1.25
C LYS B 135 3.79 -18.70 -0.30
N SER B 136 3.02 -19.62 -0.87
CA SER B 136 2.34 -20.68 -0.13
C SER B 136 2.10 -21.86 -1.08
N THR B 137 3.18 -22.35 -1.68
CA THR B 137 3.12 -23.47 -2.63
C THR B 137 2.53 -24.78 -2.09
N SER B 138 3.25 -25.42 -1.17
CA SER B 138 2.79 -26.68 -0.60
C SER B 138 1.93 -26.48 0.65
N GLY B 139 0.62 -26.43 0.45
CA GLY B 139 -0.29 -26.23 1.56
C GLY B 139 -1.61 -26.97 1.39
N GLY B 140 -1.57 -28.12 0.73
CA GLY B 140 -2.78 -28.89 0.52
C GLY B 140 -3.41 -28.61 -0.84
N THR B 141 -4.43 -27.77 -0.85
CA THR B 141 -5.12 -27.42 -2.08
C THR B 141 -4.67 -26.05 -2.59
N ALA B 142 -4.44 -25.97 -3.89
CA ALA B 142 -4.02 -24.74 -4.53
C ALA B 142 -5.21 -24.02 -5.15
N ALA B 143 -5.06 -22.71 -5.35
CA ALA B 143 -6.06 -21.83 -5.93
C ALA B 143 -6.21 -22.07 -7.43
N LEU B 144 -5.57 -21.24 -8.25
CA LEU B 144 -5.61 -21.39 -9.72
C LEU B 144 -6.86 -20.92 -10.50
N GLY B 145 -6.65 -20.11 -11.53
CA GLY B 145 -7.81 -19.66 -12.29
C GLY B 145 -7.45 -18.80 -13.48
N CYS B 146 -8.50 -18.31 -14.15
CA CYS B 146 -8.38 -17.44 -15.29
C CYS B 146 -9.49 -16.37 -15.20
N LEU B 147 -9.11 -15.12 -15.45
CA LEU B 147 -10.03 -13.98 -15.43
C LEU B 147 -10.29 -13.61 -16.89
N VAL B 148 -11.50 -13.84 -17.40
CA VAL B 148 -11.77 -13.51 -18.80
C VAL B 148 -12.59 -12.22 -18.76
N LYS B 149 -11.90 -11.11 -19.04
CA LYS B 149 -12.51 -9.82 -18.91
C LYS B 149 -12.64 -8.94 -20.15
N ASP B 150 -13.64 -8.06 -20.08
CA ASP B 150 -13.93 -7.11 -21.13
C ASP B 150 -14.26 -7.69 -22.46
N TYR B 151 -15.39 -8.40 -22.55
CA TYR B 151 -15.82 -8.95 -23.83
C TYR B 151 -17.27 -8.62 -24.06
N PHE B 152 -17.70 -8.68 -25.31
CA PHE B 152 -19.09 -8.42 -25.65
C PHE B 152 -19.40 -9.00 -27.02
N PRO B 153 -20.55 -9.67 -27.17
CA PRO B 153 -21.58 -9.95 -26.17
C PRO B 153 -21.35 -11.35 -25.52
N GLU B 154 -22.35 -11.80 -24.79
CA GLU B 154 -22.31 -13.12 -24.18
C GLU B 154 -22.62 -14.09 -25.32
N PRO B 155 -22.21 -15.37 -25.20
CA PRO B 155 -21.49 -15.94 -24.07
C PRO B 155 -20.03 -16.24 -24.38
N VAL B 156 -19.40 -16.83 -23.39
CA VAL B 156 -18.02 -17.24 -23.47
C VAL B 156 -18.07 -18.66 -22.90
N THR B 157 -17.21 -19.53 -23.37
CA THR B 157 -17.16 -20.89 -22.84
C THR B 157 -15.72 -21.06 -22.36
N VAL B 158 -15.54 -21.71 -21.21
CA VAL B 158 -14.21 -21.95 -20.69
C VAL B 158 -14.05 -23.40 -20.23
N SER B 159 -13.03 -24.07 -20.74
CA SER B 159 -12.75 -25.42 -20.28
C SER B 159 -11.33 -25.38 -19.71
N TRP B 160 -10.92 -26.47 -19.08
CA TRP B 160 -9.60 -26.56 -18.50
C TRP B 160 -8.90 -27.81 -19.05
N ASN B 161 -7.67 -27.64 -19.52
CA ASN B 161 -6.92 -28.75 -20.08
C ASN B 161 -7.74 -29.45 -21.16
N SER B 162 -8.31 -28.65 -22.05
CA SER B 162 -9.12 -29.14 -23.15
C SER B 162 -10.26 -30.03 -22.71
N GLY B 163 -10.72 -29.84 -21.48
CA GLY B 163 -11.84 -30.62 -21.00
C GLY B 163 -11.52 -31.82 -20.12
N ALA B 164 -10.25 -32.13 -19.97
CA ALA B 164 -9.85 -33.28 -19.16
C ALA B 164 -10.03 -32.96 -17.68
N LEU B 165 -10.04 -31.66 -17.37
CA LEU B 165 -10.17 -31.18 -16.00
C LEU B 165 -11.54 -30.55 -15.77
N THR B 166 -12.36 -31.17 -14.92
CA THR B 166 -13.70 -30.66 -14.64
C THR B 166 -14.04 -30.60 -13.16
N SER B 167 -13.46 -31.49 -12.38
CA SER B 167 -13.71 -31.50 -10.95
C SER B 167 -13.03 -30.31 -10.26
N GLY B 168 -13.75 -29.67 -9.34
CA GLY B 168 -13.24 -28.51 -8.65
C GLY B 168 -13.45 -27.22 -9.45
N VAL B 169 -13.65 -27.35 -10.76
CA VAL B 169 -13.86 -26.20 -11.64
C VAL B 169 -15.12 -25.39 -11.33
N HIS B 170 -14.99 -24.06 -11.25
CA HIS B 170 -16.15 -23.22 -11.00
C HIS B 170 -16.05 -22.04 -11.92
N THR B 171 -16.94 -21.99 -12.92
CA THR B 171 -16.96 -20.91 -13.89
C THR B 171 -18.16 -20.05 -13.49
N PHE B 172 -17.87 -18.84 -13.03
CA PHE B 172 -18.94 -17.94 -12.57
C PHE B 172 -19.70 -17.20 -13.66
N PRO B 173 -20.97 -16.92 -13.40
CA PRO B 173 -21.82 -16.19 -14.35
C PRO B 173 -21.14 -14.83 -14.61
N ALA B 174 -21.22 -14.35 -15.85
CA ALA B 174 -20.62 -13.07 -16.21
C ALA B 174 -21.31 -11.95 -15.45
N VAL B 175 -20.63 -10.82 -15.39
CA VAL B 175 -21.14 -9.67 -14.70
C VAL B 175 -21.00 -8.50 -15.68
N LEU B 176 -22.04 -7.68 -15.77
CA LEU B 176 -22.01 -6.54 -16.65
C LEU B 176 -21.27 -5.43 -15.94
N GLN B 177 -20.15 -5.00 -16.51
CA GLN B 177 -19.37 -3.95 -15.90
C GLN B 177 -20.03 -2.62 -16.27
N SER B 178 -19.66 -1.56 -15.54
CA SER B 178 -20.19 -0.21 -15.79
C SER B 178 -19.82 0.25 -17.19
N SER B 179 -18.80 -0.39 -17.77
CA SER B 179 -18.36 -0.07 -19.10
C SER B 179 -19.28 -0.68 -20.15
N GLY B 180 -20.14 -1.59 -19.71
CA GLY B 180 -21.04 -2.26 -20.65
C GLY B 180 -20.39 -3.50 -21.26
N LEU B 181 -19.25 -3.86 -20.69
CA LEU B 181 -18.48 -5.01 -21.12
C LEU B 181 -18.62 -6.11 -20.07
N TYR B 182 -18.67 -7.37 -20.48
CA TYR B 182 -18.79 -8.43 -19.48
C TYR B 182 -17.43 -8.85 -19.01
N SER B 183 -17.40 -9.48 -17.84
CA SER B 183 -16.19 -10.01 -17.26
C SER B 183 -16.55 -11.23 -16.42
N LEU B 184 -15.69 -12.24 -16.39
CA LEU B 184 -15.93 -13.40 -15.53
C LEU B 184 -14.64 -14.15 -15.21
N SER B 185 -14.70 -14.97 -14.18
CA SER B 185 -13.55 -15.79 -13.83
C SER B 185 -13.98 -17.25 -13.73
N SER B 186 -13.05 -18.15 -14.08
CA SER B 186 -13.23 -19.59 -13.99
C SER B 186 -12.08 -20.03 -13.09
N VAL B 187 -12.40 -20.65 -11.96
CA VAL B 187 -11.36 -21.11 -11.05
C VAL B 187 -11.34 -22.64 -10.95
N VAL B 188 -10.31 -23.20 -10.32
CA VAL B 188 -10.19 -24.66 -10.13
C VAL B 188 -9.34 -24.94 -8.91
N THR B 189 -9.79 -25.86 -8.06
CA THR B 189 -9.02 -26.24 -6.87
C THR B 189 -8.24 -27.53 -7.17
N VAL B 190 -6.92 -27.46 -7.11
CA VAL B 190 -6.07 -28.63 -7.37
C VAL B 190 -5.16 -28.93 -6.16
N PRO B 191 -4.40 -30.04 -6.19
CA PRO B 191 -3.54 -30.30 -5.03
C PRO B 191 -2.26 -29.52 -5.20
N SER B 192 -1.86 -28.82 -4.15
CA SER B 192 -0.65 -28.02 -4.20
C SER B 192 0.50 -28.85 -4.73
N SER B 193 0.51 -30.13 -4.43
CA SER B 193 1.59 -31.01 -4.88
C SER B 193 1.62 -31.12 -6.40
N SER B 194 0.46 -31.01 -7.03
CA SER B 194 0.38 -31.13 -8.48
C SER B 194 0.95 -29.90 -9.18
N LEU B 195 1.07 -28.80 -8.43
CA LEU B 195 1.63 -27.57 -8.98
C LEU B 195 3.07 -27.80 -9.37
N GLY B 196 3.41 -27.55 -10.63
CA GLY B 196 4.78 -27.75 -11.05
C GLY B 196 4.91 -29.02 -11.87
N THR B 197 4.05 -29.99 -11.58
CA THR B 197 4.08 -31.24 -12.32
C THR B 197 2.92 -31.21 -13.32
N GLN B 198 1.74 -30.89 -12.82
CA GLN B 198 0.54 -30.84 -13.65
C GLN B 198 0.35 -29.46 -14.24
N THR B 199 0.39 -29.37 -15.56
CA THR B 199 0.23 -28.08 -16.21
C THR B 199 -1.26 -27.77 -16.36
N TYR B 200 -1.61 -26.50 -16.17
CA TYR B 200 -3.01 -26.06 -16.26
C TYR B 200 -3.20 -24.96 -17.27
N ILE B 201 -4.08 -25.22 -18.24
CA ILE B 201 -4.38 -24.28 -19.29
C ILE B 201 -5.89 -24.09 -19.35
N CYS B 202 -6.35 -22.84 -19.36
CA CYS B 202 -7.78 -22.60 -19.46
C CYS B 202 -8.05 -22.32 -20.92
N ASN B 203 -9.10 -22.93 -21.46
CA ASN B 203 -9.45 -22.75 -22.85
C ASN B 203 -10.66 -21.82 -22.93
N VAL B 204 -10.43 -20.63 -23.45
CA VAL B 204 -11.49 -19.65 -23.52
C VAL B 204 -11.88 -19.39 -24.95
N ASN B 205 -13.18 -19.48 -25.22
CA ASN B 205 -13.63 -19.23 -26.55
C ASN B 205 -14.81 -18.27 -26.56
N HIS B 206 -14.72 -17.26 -27.41
CA HIS B 206 -15.79 -16.29 -27.56
C HIS B 206 -16.13 -16.36 -29.04
N LYS B 207 -17.24 -17.01 -29.36
CA LYS B 207 -17.64 -17.15 -30.76
C LYS B 207 -18.04 -15.83 -31.44
N PRO B 208 -18.82 -14.98 -30.75
CA PRO B 208 -19.19 -13.73 -31.41
C PRO B 208 -18.01 -13.00 -32.05
N SER B 209 -16.84 -13.09 -31.45
CA SER B 209 -15.66 -12.40 -32.00
C SER B 209 -14.69 -13.37 -32.65
N ASN B 210 -15.07 -14.64 -32.62
CA ASN B 210 -14.23 -15.71 -33.16
C ASN B 210 -12.88 -15.66 -32.48
N THR B 211 -12.91 -15.38 -31.18
CA THR B 211 -11.70 -15.30 -30.39
C THR B 211 -11.54 -16.61 -29.62
N LYS B 212 -10.33 -17.13 -29.60
CA LYS B 212 -10.03 -18.36 -28.89
C LYS B 212 -8.65 -18.18 -28.29
N VAL B 213 -8.54 -18.35 -26.99
CA VAL B 213 -7.26 -18.19 -26.34
C VAL B 213 -7.02 -19.27 -25.31
N ASP B 214 -5.79 -19.74 -25.26
CA ASP B 214 -5.41 -20.75 -24.30
C ASP B 214 -4.38 -20.05 -23.44
N LYS B 215 -4.58 -20.12 -22.15
CA LYS B 215 -3.69 -19.47 -21.23
C LYS B 215 -3.16 -20.44 -20.19
N LYS B 216 -1.85 -20.64 -20.18
CA LYS B 216 -1.25 -21.51 -19.20
C LYS B 216 -1.29 -20.68 -17.93
N VAL B 217 -1.62 -21.32 -16.82
CA VAL B 217 -1.68 -20.63 -15.54
C VAL B 217 -0.66 -21.27 -14.62
N GLU C 1 7.61 29.70 17.81
CA GLU C 1 8.08 28.30 17.53
C GLU C 1 7.98 27.41 18.76
N LEU C 2 7.56 26.18 18.55
CA LEU C 2 7.45 25.23 19.65
C LEU C 2 8.83 24.65 19.91
N VAL C 3 9.32 24.80 21.15
CA VAL C 3 10.63 24.29 21.51
C VAL C 3 10.58 22.90 22.14
N MET C 4 11.37 21.99 21.59
CA MET C 4 11.46 20.61 22.06
C MET C 4 12.82 20.37 22.72
N THR C 5 12.80 20.17 24.04
CA THR C 5 14.02 19.96 24.79
C THR C 5 14.25 18.49 25.16
N GLN C 6 15.28 17.87 24.58
CA GLN C 6 15.59 16.47 24.86
C GLN C 6 16.57 16.40 26.03
N THR C 7 16.07 15.89 27.16
CA THR C 7 16.85 15.80 28.39
C THR C 7 18.22 15.14 28.30
N PRO C 8 18.29 13.82 28.05
CA PRO C 8 19.64 13.27 28.00
C PRO C 8 20.39 13.67 26.74
N LEU C 9 21.33 14.60 26.85
CA LEU C 9 22.07 15.02 25.68
C LEU C 9 22.86 13.85 25.11
N SER C 10 23.40 13.05 26.03
CA SER C 10 24.17 11.87 25.69
C SER C 10 23.77 10.79 26.68
N LEU C 11 23.59 9.57 26.19
CA LEU C 11 23.19 8.48 27.07
C LEU C 11 24.13 7.29 26.98
N PRO C 12 25.00 7.12 27.98
CA PRO C 12 25.92 5.97 27.94
C PRO C 12 25.10 4.73 28.33
N VAL C 13 25.27 3.66 27.59
CA VAL C 13 24.52 2.45 27.88
C VAL C 13 25.35 1.21 27.57
N SER C 14 24.99 0.10 28.22
CA SER C 14 25.67 -1.16 27.99
C SER C 14 24.74 -1.94 27.09
N LEU C 15 25.30 -2.69 26.15
CA LEU C 15 24.52 -3.50 25.23
C LEU C 15 23.67 -4.50 26.00
N GLY C 16 22.43 -4.65 25.59
CA GLY C 16 21.54 -5.56 26.28
C GLY C 16 20.70 -4.85 27.33
N ASP C 17 21.15 -3.68 27.76
CA ASP C 17 20.42 -2.91 28.75
C ASP C 17 19.30 -2.09 28.14
N GLN C 18 18.52 -1.44 28.99
CA GLN C 18 17.40 -0.61 28.54
C GLN C 18 17.81 0.85 28.49
N ALA C 19 17.36 1.55 27.46
CA ALA C 19 17.66 2.98 27.31
C ALA C 19 16.34 3.73 27.36
N SER C 20 16.38 4.91 27.98
CA SER C 20 15.21 5.76 28.10
C SER C 20 15.59 7.22 27.78
N ILE C 21 15.00 7.77 26.72
CA ILE C 21 15.26 9.13 26.28
C ILE C 21 14.01 9.98 26.52
N SER C 22 14.23 11.20 26.97
CA SER C 22 13.15 12.12 27.29
C SER C 22 13.09 13.32 26.37
N CYS C 23 11.87 13.73 26.03
CA CYS C 23 11.64 14.89 25.16
C CYS C 23 10.48 15.69 25.75
N ARG C 24 10.73 16.97 25.99
CA ARG C 24 9.71 17.85 26.56
C ARG C 24 9.41 18.98 25.58
N SER C 25 8.14 19.27 25.37
CA SER C 25 7.77 20.35 24.46
C SER C 25 7.37 21.63 25.19
N SER C 26 7.52 22.77 24.50
CA SER C 26 7.20 24.09 25.05
C SER C 26 5.71 24.22 25.32
N GLN C 27 4.88 23.74 24.40
CA GLN C 27 3.42 23.76 24.54
C GLN C 27 2.90 22.34 24.37
N SER C 28 1.65 22.11 24.77
CA SER C 28 1.08 20.79 24.62
C SER C 28 1.06 20.48 23.13
N LEU C 29 1.43 19.24 22.77
CA LEU C 29 1.45 18.82 21.38
C LEU C 29 0.14 18.16 21.03
N VAL C 30 -0.87 18.38 21.87
CA VAL C 30 -2.20 17.82 21.62
C VAL C 30 -2.92 18.72 20.65
N HIS C 31 -3.06 18.27 19.41
CA HIS C 31 -3.75 19.04 18.38
C HIS C 31 -5.23 19.15 18.78
N SER C 32 -5.91 20.17 18.29
CA SER C 32 -7.31 20.36 18.62
C SER C 32 -8.18 19.25 18.02
N ASN C 33 -7.62 18.51 17.06
CA ASN C 33 -8.35 17.42 16.43
C ASN C 33 -8.23 16.15 17.28
N GLY C 34 -7.43 16.24 18.34
CA GLY C 34 -7.25 15.09 19.22
C GLY C 34 -5.86 14.50 19.22
N ASN C 35 -5.41 14.02 18.07
CA ASN C 35 -4.08 13.42 17.95
C ASN C 35 -2.97 14.26 18.55
N THR C 36 -1.91 13.59 18.94
CA THR C 36 -0.71 14.23 19.47
C THR C 36 0.40 13.81 18.51
N TYR C 37 0.77 14.73 17.61
CA TYR C 37 1.81 14.46 16.63
C TYR C 37 3.21 14.62 17.16
N LEU C 38 3.65 13.63 17.93
CA LEU C 38 4.99 13.62 18.50
C LEU C 38 5.64 12.34 17.96
N HIS C 39 6.70 12.51 17.15
CA HIS C 39 7.41 11.40 16.53
C HIS C 39 8.86 11.31 16.97
N TRP C 40 9.45 10.12 16.80
CA TRP C 40 10.85 9.84 17.17
C TRP C 40 11.66 9.28 16.00
N TYR C 41 12.83 9.85 15.77
CA TYR C 41 13.71 9.43 14.69
C TYR C 41 15.10 9.09 15.21
N LEU C 42 15.84 8.28 14.45
CA LEU C 42 17.21 7.91 14.80
C LEU C 42 18.09 8.24 13.61
N GLN C 43 19.24 8.88 13.85
CA GLN C 43 20.16 9.21 12.79
C GLN C 43 21.54 8.60 13.10
N LYS C 44 22.05 7.76 12.22
CA LYS C 44 23.35 7.19 12.47
C LYS C 44 24.35 7.96 11.63
N PRO C 45 25.58 8.06 12.11
CA PRO C 45 26.63 8.78 11.38
C PRO C 45 26.60 8.54 9.88
N GLY C 46 26.62 9.63 9.12
CA GLY C 46 26.62 9.57 7.67
C GLY C 46 25.30 9.22 7.03
N GLN C 47 24.33 8.80 7.83
CA GLN C 47 23.01 8.43 7.32
C GLN C 47 21.95 9.53 7.52
N SER C 48 20.84 9.39 6.82
CA SER C 48 19.75 10.34 6.95
C SER C 48 18.95 9.80 8.13
N PRO C 49 18.19 10.69 8.80
CA PRO C 49 17.36 10.28 9.94
C PRO C 49 16.35 9.24 9.51
N LYS C 50 15.93 8.38 10.44
CA LYS C 50 14.96 7.31 10.13
C LYS C 50 13.81 7.34 11.10
N LEU C 51 12.59 7.31 10.58
CA LEU C 51 11.40 7.34 11.43
C LEU C 51 11.25 6.04 12.23
N LEU C 52 11.05 6.19 13.53
CA LEU C 52 10.93 5.04 14.42
C LEU C 52 9.55 4.91 15.00
N ILE C 53 9.12 5.98 15.66
CA ILE C 53 7.83 6.05 16.32
C ILE C 53 7.07 7.30 15.85
N TYR C 54 5.76 7.16 15.68
CA TYR C 54 4.92 8.28 15.28
C TYR C 54 3.70 8.36 16.17
N LYS C 55 3.17 9.57 16.34
CA LYS C 55 2.03 9.79 17.20
C LYS C 55 2.24 9.15 18.57
N VAL C 56 3.36 9.51 19.18
CA VAL C 56 3.70 9.03 20.52
C VAL C 56 4.10 7.56 20.74
N SER C 57 3.26 6.63 20.30
CA SER C 57 3.52 5.21 20.55
C SER C 57 3.39 4.24 19.40
N ASN C 58 3.21 4.75 18.19
CA ASN C 58 3.05 3.90 17.03
C ASN C 58 4.37 3.61 16.36
N ARG C 59 4.71 2.34 16.22
CA ARG C 59 5.96 1.99 15.59
C ARG C 59 5.80 1.96 14.08
N PHE C 60 6.71 2.64 13.40
CA PHE C 60 6.70 2.71 11.96
C PHE C 60 7.03 1.31 11.40
N SER C 61 6.57 1.05 10.19
CA SER C 61 6.77 -0.24 9.56
C SER C 61 8.23 -0.68 9.53
N GLY C 62 8.49 -1.90 9.99
CA GLY C 62 9.84 -2.44 9.99
C GLY C 62 10.61 -2.19 11.27
N VAL C 63 10.05 -1.38 12.15
CA VAL C 63 10.72 -1.05 13.40
C VAL C 63 10.61 -2.12 14.50
N PRO C 64 11.76 -2.61 15.00
CA PRO C 64 11.80 -3.63 16.05
C PRO C 64 10.95 -3.27 17.27
N ASP C 65 10.24 -4.26 17.82
CA ASP C 65 9.38 -3.99 18.97
C ASP C 65 10.09 -3.68 20.27
N ARG C 66 11.42 -3.66 20.26
CA ARG C 66 12.14 -3.33 21.48
C ARG C 66 12.03 -1.80 21.68
N PHE C 67 11.59 -1.12 20.64
CA PHE C 67 11.40 0.33 20.65
C PHE C 67 9.98 0.65 21.06
N SER C 68 9.84 1.49 22.07
CA SER C 68 8.49 1.88 22.49
C SER C 68 8.43 3.34 22.93
N GLY C 69 7.27 3.96 22.74
CA GLY C 69 7.13 5.35 23.12
C GLY C 69 5.89 5.62 23.95
N SER C 70 6.01 6.59 24.86
CA SER C 70 4.90 7.00 25.71
C SER C 70 4.97 8.52 25.92
N GLY C 71 3.89 9.13 26.38
CA GLY C 71 3.88 10.57 26.60
C GLY C 71 2.47 11.14 26.55
N SER C 72 2.24 12.25 27.24
CA SER C 72 0.91 12.87 27.29
C SER C 72 0.66 14.07 26.38
N GLY C 73 1.27 15.20 26.73
CA GLY C 73 1.08 16.41 25.95
C GLY C 73 2.32 17.29 25.92
N THR C 74 2.92 17.48 27.08
CA THR C 74 4.12 18.30 27.17
C THR C 74 5.39 17.45 27.30
N ASP C 75 5.25 16.27 27.89
CA ASP C 75 6.38 15.37 28.06
C ASP C 75 6.18 14.02 27.35
N PHE C 76 7.27 13.47 26.82
CA PHE C 76 7.24 12.20 26.11
C PHE C 76 8.52 11.42 26.32
N THR C 77 8.43 10.10 26.23
CA THR C 77 9.59 9.24 26.45
C THR C 77 9.71 8.10 25.44
N LEU C 78 10.95 7.86 25.01
CA LEU C 78 11.21 6.77 24.10
C LEU C 78 12.04 5.81 24.92
N LYS C 79 11.72 4.54 24.82
CA LYS C 79 12.45 3.53 25.56
C LYS C 79 12.89 2.43 24.63
N ILE C 80 14.08 1.91 24.88
CA ILE C 80 14.60 0.82 24.08
C ILE C 80 14.96 -0.28 25.06
N SER C 81 14.19 -1.37 25.05
CA SER C 81 14.47 -2.51 25.91
C SER C 81 15.62 -3.23 25.22
N ARG C 82 16.60 -3.69 25.97
CA ARG C 82 17.74 -4.36 25.37
C ARG C 82 18.30 -3.58 24.19
N VAL C 83 19.33 -2.79 24.45
CA VAL C 83 19.97 -1.98 23.42
C VAL C 83 20.88 -2.85 22.56
N GLU C 84 20.82 -2.65 21.25
CA GLU C 84 21.67 -3.41 20.34
C GLU C 84 22.69 -2.49 19.68
N ALA C 85 23.76 -3.08 19.16
CA ALA C 85 24.78 -2.30 18.49
C ALA C 85 24.22 -1.38 17.42
N GLU C 86 23.25 -1.89 16.66
CA GLU C 86 22.67 -1.14 15.56
C GLU C 86 21.76 0.01 16.02
N ASP C 87 21.50 0.09 17.31
CA ASP C 87 20.64 1.14 17.86
C ASP C 87 21.42 2.39 18.23
N LEU C 88 22.75 2.33 18.11
CA LEU C 88 23.62 3.44 18.47
C LEU C 88 23.64 4.56 17.44
N GLY C 89 23.33 5.77 17.91
CA GLY C 89 23.31 6.94 17.04
C GLY C 89 22.66 8.09 17.77
N VAL C 90 22.06 9.00 17.02
CA VAL C 90 21.38 10.15 17.63
C VAL C 90 19.89 10.08 17.41
N TYR C 91 19.14 10.22 18.50
CA TYR C 91 17.69 10.17 18.46
C TYR C 91 17.11 11.58 18.53
N PHE C 92 16.17 11.84 17.64
CA PHE C 92 15.52 13.14 17.58
C PHE C 92 14.03 12.95 17.77
N CYS C 93 13.42 13.80 18.60
CA CYS C 93 11.99 13.76 18.77
C CYS C 93 11.54 14.88 17.83
N SER C 94 10.28 14.82 17.40
CA SER C 94 9.79 15.83 16.50
C SER C 94 8.30 16.05 16.68
N GLN C 95 7.88 17.30 16.54
CA GLN C 95 6.46 17.68 16.68
C GLN C 95 5.93 18.18 15.35
N SER C 96 4.70 17.78 15.01
CA SER C 96 4.07 18.20 13.76
C SER C 96 2.68 18.75 14.08
N THR C 97 2.47 19.11 15.35
CA THR C 97 1.19 19.65 15.76
C THR C 97 1.11 21.16 15.50
N HIS C 98 2.17 21.90 15.85
CA HIS C 98 2.16 23.35 15.69
C HIS C 98 2.79 23.93 14.42
N VAL C 99 2.28 25.11 14.05
CA VAL C 99 2.69 25.89 12.88
C VAL C 99 3.90 25.33 12.13
N PRO C 100 5.13 25.56 12.62
CA PRO C 100 6.27 25.01 11.88
C PRO C 100 6.75 23.72 12.58
N PRO C 101 6.82 22.61 11.85
CA PRO C 101 7.27 21.35 12.45
C PRO C 101 8.68 21.49 13.01
N THR C 102 8.87 21.16 14.28
CA THR C 102 10.20 21.30 14.85
C THR C 102 10.77 20.01 15.44
N PHE C 103 12.10 19.98 15.58
CA PHE C 103 12.83 18.84 16.10
C PHE C 103 13.52 19.14 17.43
N GLY C 104 13.67 18.11 18.24
CA GLY C 104 14.38 18.26 19.49
C GLY C 104 15.86 18.33 19.13
N GLY C 105 16.71 18.59 20.12
CA GLY C 105 18.13 18.71 19.85
C GLY C 105 18.92 17.43 19.61
N GLY C 106 18.29 16.28 19.82
CA GLY C 106 19.00 15.03 19.61
C GLY C 106 19.68 14.51 20.86
N THR C 107 19.64 13.20 21.03
CA THR C 107 20.24 12.51 22.17
C THR C 107 21.19 11.46 21.56
N LYS C 108 22.45 11.49 21.99
CA LYS C 108 23.44 10.55 21.48
C LYS C 108 23.52 9.35 22.39
N LEU C 109 23.17 8.19 21.83
CA LEU C 109 23.23 6.93 22.58
C LEU C 109 24.62 6.38 22.30
N GLU C 110 25.38 6.15 23.37
CA GLU C 110 26.73 5.63 23.22
C GLU C 110 27.00 4.43 24.14
N ILE C 111 28.17 3.82 23.98
CA ILE C 111 28.56 2.66 24.80
C ILE C 111 29.24 3.04 26.11
N LYS C 112 28.67 2.54 27.20
CA LYS C 112 29.19 2.80 28.52
C LYS C 112 30.31 1.82 28.85
N ARG C 113 31.41 2.34 29.36
CA ARG C 113 32.55 1.52 29.74
C ARG C 113 33.12 2.04 31.05
N THR C 114 34.34 1.65 31.39
CA THR C 114 34.92 2.13 32.63
C THR C 114 35.71 3.39 32.40
N VAL C 115 35.73 4.24 33.41
CA VAL C 115 36.45 5.48 33.34
C VAL C 115 37.89 5.21 32.94
N ALA C 116 38.38 5.96 31.96
CA ALA C 116 39.75 5.82 31.50
C ALA C 116 40.35 7.22 31.38
N ALA C 117 41.41 7.50 32.13
CA ALA C 117 42.05 8.80 32.06
C ALA C 117 42.82 8.87 30.78
N PRO C 118 42.94 10.07 30.19
CA PRO C 118 43.68 10.18 28.95
C PRO C 118 45.19 10.09 29.14
N SER C 119 45.88 9.75 28.07
CA SER C 119 47.32 9.70 28.07
C SER C 119 47.59 11.03 27.35
N VAL C 120 48.31 11.94 27.99
CA VAL C 120 48.56 13.25 27.39
C VAL C 120 49.92 13.44 26.74
N PHE C 121 49.92 13.85 25.47
CA PHE C 121 51.15 14.10 24.73
C PHE C 121 51.15 15.52 24.16
N ILE C 122 52.29 16.21 24.24
CA ILE C 122 52.37 17.57 23.70
C ILE C 122 53.43 17.59 22.62
N PHE C 123 53.13 18.27 21.52
CA PHE C 123 54.06 18.39 20.40
C PHE C 123 54.33 19.85 20.03
N PRO C 124 55.60 20.23 19.95
CA PRO C 124 55.96 21.61 19.59
C PRO C 124 55.90 21.73 18.06
N PRO C 125 55.96 22.96 17.54
CA PRO C 125 55.91 23.07 16.08
C PRO C 125 57.21 22.52 15.50
N SER C 126 57.18 22.08 14.25
CA SER C 126 58.38 21.55 13.62
C SER C 126 59.17 22.68 12.99
N ASP C 127 60.46 22.46 12.80
CA ASP C 127 61.33 23.47 12.21
C ASP C 127 60.82 23.86 10.81
N GLU C 128 60.40 22.85 10.05
CA GLU C 128 59.89 23.06 8.71
C GLU C 128 58.71 24.02 8.71
N GLN C 129 57.80 23.85 9.67
CA GLN C 129 56.63 24.73 9.75
C GLN C 129 57.05 26.12 10.19
N LEU C 130 57.78 26.19 11.30
CA LEU C 130 58.26 27.47 11.81
C LEU C 130 58.84 28.24 10.60
N LYS C 131 59.66 27.54 9.82
CA LYS C 131 60.28 28.12 8.64
C LYS C 131 59.29 28.80 7.70
N SER C 132 58.00 28.52 7.87
CA SER C 132 56.97 29.11 7.01
C SER C 132 56.10 30.18 7.69
N GLY C 133 56.56 30.68 8.83
CA GLY C 133 55.84 31.73 9.53
C GLY C 133 54.82 31.30 10.56
N THR C 134 54.47 30.01 10.57
CA THR C 134 53.49 29.50 11.52
C THR C 134 54.07 28.60 12.61
N ALA C 135 53.34 28.47 13.70
CA ALA C 135 53.75 27.62 14.79
C ALA C 135 52.53 26.94 15.37
N SER C 136 52.34 25.65 15.04
CA SER C 136 51.21 24.92 15.59
C SER C 136 51.74 24.06 16.72
N VAL C 137 51.06 24.09 17.86
CA VAL C 137 51.45 23.30 19.01
C VAL C 137 50.26 22.35 19.19
N VAL C 138 50.54 21.07 19.42
CA VAL C 138 49.49 20.05 19.55
C VAL C 138 49.46 19.30 20.88
N CYS C 139 48.27 19.23 21.48
CA CYS C 139 48.09 18.49 22.72
C CYS C 139 47.21 17.28 22.37
N LEU C 140 47.66 16.07 22.70
CA LEU C 140 46.90 14.85 22.39
C LEU C 140 46.40 14.11 23.63
N LEU C 141 45.09 13.94 23.73
CA LEU C 141 44.52 13.19 24.84
C LEU C 141 44.11 11.83 24.22
N ASN C 142 44.86 10.79 24.53
CA ASN C 142 44.62 9.45 23.98
C ASN C 142 43.75 8.50 24.79
N ASN C 143 42.84 7.84 24.10
CA ASN C 143 41.93 6.84 24.67
C ASN C 143 41.39 7.09 26.07
N PHE C 144 40.43 8.01 26.19
CA PHE C 144 39.83 8.32 27.49
C PHE C 144 38.32 8.13 27.53
N TYR C 145 37.77 8.09 28.74
CA TYR C 145 36.33 7.94 28.91
C TYR C 145 35.93 8.40 30.30
N PRO C 146 34.84 9.16 30.43
CA PRO C 146 33.91 9.64 29.39
C PRO C 146 34.50 10.67 28.44
N ARG C 147 33.67 11.19 27.54
CA ARG C 147 34.12 12.17 26.55
C ARG C 147 34.57 13.47 27.15
N GLU C 148 33.88 13.90 28.20
CA GLU C 148 34.19 15.17 28.85
C GLU C 148 35.64 15.28 29.27
N ALA C 149 36.32 16.24 28.68
CA ALA C 149 37.71 16.51 28.96
C ALA C 149 37.85 18.02 28.95
N LYS C 150 38.91 18.52 29.57
CA LYS C 150 39.14 19.97 29.61
C LYS C 150 40.60 20.24 29.38
N VAL C 151 40.92 20.85 28.25
CA VAL C 151 42.30 21.15 27.91
C VAL C 151 42.59 22.66 27.91
N GLN C 152 43.36 23.11 28.90
CA GLN C 152 43.69 24.54 29.01
C GLN C 152 45.11 24.81 28.56
N TRP C 153 45.26 25.76 27.66
CA TRP C 153 46.59 26.11 27.17
C TRP C 153 47.17 27.27 28.00
N LYS C 154 48.47 27.18 28.27
CA LYS C 154 49.18 28.20 29.04
C LYS C 154 50.49 28.48 28.34
N VAL C 155 50.75 29.75 28.06
CA VAL C 155 51.99 30.18 27.42
C VAL C 155 52.64 31.04 28.49
N ASP C 156 53.76 30.56 29.04
CA ASP C 156 54.49 31.24 30.11
C ASP C 156 53.54 31.50 31.27
N ASN C 157 52.77 30.47 31.61
CA ASN C 157 51.80 30.50 32.68
C ASN C 157 50.54 31.33 32.43
N ALA C 158 50.47 32.02 31.29
CA ALA C 158 49.31 32.84 30.96
C ALA C 158 48.29 31.99 30.20
N LEU C 159 47.09 31.88 30.75
CA LEU C 159 46.03 31.08 30.13
C LEU C 159 45.62 31.62 28.78
N GLN C 160 45.57 30.75 27.79
CA GLN C 160 45.19 31.14 26.44
C GLN C 160 43.70 30.99 26.23
N SER C 161 43.18 31.73 25.25
CA SER C 161 41.77 31.66 24.95
C SER C 161 41.51 32.17 23.54
N GLY C 162 40.64 31.47 22.82
CA GLY C 162 40.31 31.88 21.48
C GLY C 162 41.29 31.50 20.39
N ASN C 163 42.50 31.09 20.74
CA ASN C 163 43.48 30.72 19.71
C ASN C 163 43.75 29.21 19.54
N SER C 164 42.82 28.37 19.97
CA SER C 164 43.01 26.93 19.80
C SER C 164 41.73 26.27 19.29
N GLN C 165 41.89 25.14 18.63
CA GLN C 165 40.77 24.39 18.07
C GLN C 165 41.00 22.91 18.43
N GLU C 166 39.94 22.23 18.85
CA GLU C 166 40.08 20.83 19.19
C GLU C 166 39.14 19.93 18.39
N SER C 167 39.61 18.72 18.15
CA SER C 167 38.89 17.71 17.38
C SER C 167 38.80 16.48 18.25
N VAL C 168 37.71 15.72 18.13
CA VAL C 168 37.51 14.51 18.92
C VAL C 168 37.05 13.35 18.03
N THR C 169 37.56 12.14 18.27
CA THR C 169 37.17 11.00 17.45
C THR C 169 35.91 10.31 17.99
N GLU C 170 35.30 9.49 17.16
CA GLU C 170 34.09 8.75 17.54
C GLU C 170 34.53 7.63 18.48
N GLN C 171 33.65 7.22 19.40
CA GLN C 171 34.00 6.16 20.33
C GLN C 171 34.66 5.04 19.55
N ASP C 172 35.77 4.53 20.07
CA ASP C 172 36.48 3.45 19.39
C ASP C 172 35.62 2.18 19.40
N SER C 173 35.64 1.46 18.29
CA SER C 173 34.85 0.23 18.17
C SER C 173 35.34 -0.85 19.14
N LYS C 174 36.65 -0.98 19.25
CA LYS C 174 37.24 -1.99 20.13
C LYS C 174 37.15 -1.66 21.62
N ASP C 175 37.77 -0.57 22.06
CA ASP C 175 37.76 -0.22 23.47
C ASP C 175 36.76 0.85 23.94
N SER C 176 35.91 1.32 23.03
CA SER C 176 34.89 2.29 23.42
C SER C 176 35.37 3.64 23.99
N THR C 177 36.65 3.97 23.84
CA THR C 177 37.18 5.23 24.33
C THR C 177 37.09 6.33 23.28
N TYR C 178 37.60 7.50 23.64
CA TYR C 178 37.60 8.65 22.74
C TYR C 178 38.99 9.22 22.78
N SER C 179 39.36 9.96 21.74
CA SER C 179 40.66 10.62 21.68
C SER C 179 40.38 12.04 21.21
N LEU C 180 41.27 12.97 21.57
CA LEU C 180 41.08 14.37 21.22
C LEU C 180 42.41 15.07 20.98
N SER C 181 42.41 15.99 20.03
CA SER C 181 43.59 16.80 19.70
C SER C 181 43.21 18.27 19.87
N SER C 182 44.06 19.04 20.53
CA SER C 182 43.80 20.48 20.68
C SER C 182 45.01 21.18 20.09
N THR C 183 44.79 21.96 19.06
CA THR C 183 45.88 22.66 18.43
C THR C 183 45.88 24.14 18.81
N LEU C 184 47.01 24.61 19.31
CA LEU C 184 47.16 26.01 19.67
C LEU C 184 47.94 26.60 18.52
N THR C 185 47.38 27.61 17.87
CA THR C 185 48.10 28.22 16.75
C THR C 185 48.54 29.65 17.04
N LEU C 186 49.75 29.97 16.60
CA LEU C 186 50.32 31.31 16.80
C LEU C 186 51.23 31.60 15.64
N SER C 187 51.54 32.88 15.45
CA SER C 187 52.45 33.27 14.38
C SER C 187 53.85 32.92 14.92
N LYS C 188 54.80 32.73 14.01
CA LYS C 188 56.16 32.39 14.41
C LYS C 188 56.72 33.45 15.35
N ALA C 189 56.49 34.72 15.00
CA ALA C 189 56.98 35.83 15.81
C ALA C 189 56.45 35.71 17.24
N ASP C 190 55.13 35.63 17.36
CA ASP C 190 54.51 35.50 18.68
C ASP C 190 55.00 34.24 19.39
N TYR C 191 55.21 33.17 18.63
CA TYR C 191 55.69 31.90 19.17
C TYR C 191 57.06 32.07 19.80
N GLU C 192 57.95 32.75 19.08
CA GLU C 192 59.32 32.98 19.56
C GLU C 192 59.37 34.07 20.63
N LYS C 193 58.19 34.57 20.98
CA LYS C 193 58.05 35.61 21.99
C LYS C 193 57.80 35.03 23.38
N HIS C 194 57.74 33.70 23.49
CA HIS C 194 57.48 33.09 24.78
C HIS C 194 58.32 31.85 25.11
N LYS C 195 58.33 31.47 26.38
CA LYS C 195 59.12 30.35 26.85
C LYS C 195 58.40 29.02 26.98
N VAL C 196 57.61 28.87 28.04
CA VAL C 196 56.89 27.64 28.29
C VAL C 196 55.53 27.57 27.61
N TYR C 197 55.28 26.42 27.01
CA TYR C 197 54.04 26.13 26.32
C TYR C 197 53.51 24.89 27.02
N ALA C 198 52.32 25.00 27.59
CA ALA C 198 51.72 23.91 28.33
C ALA C 198 50.24 23.72 28.09
N CYS C 199 49.81 22.46 28.11
CA CYS C 199 48.40 22.18 27.98
C CYS C 199 48.07 21.34 29.21
N GLU C 200 47.09 21.81 29.96
CA GLU C 200 46.67 21.15 31.17
C GLU C 200 45.35 20.46 30.92
N VAL C 201 45.37 19.14 30.98
CA VAL C 201 44.15 18.37 30.78
C VAL C 201 43.57 18.04 32.13
N THR C 202 42.26 18.16 32.25
CA THR C 202 41.58 17.84 33.50
C THR C 202 40.41 16.94 33.12
N HIS C 203 40.57 15.64 33.36
CA HIS C 203 39.55 14.65 33.02
C HIS C 203 39.10 13.87 34.25
N GLN C 204 37.83 13.45 34.25
CA GLN C 204 37.27 12.72 35.37
C GLN C 204 38.11 11.50 35.78
N GLY C 205 39.04 11.08 34.93
CA GLY C 205 39.88 9.95 35.25
C GLY C 205 41.23 10.33 35.85
N LEU C 206 41.52 11.62 35.89
CA LEU C 206 42.78 12.10 36.45
C LEU C 206 42.50 12.49 37.90
N SER C 207 43.46 12.20 38.78
CA SER C 207 43.32 12.52 40.20
C SER C 207 43.28 14.03 40.34
N SER C 208 44.15 14.67 39.59
CA SER C 208 44.25 16.12 39.56
C SER C 208 44.67 16.45 38.15
N PRO C 209 44.26 17.61 37.64
CA PRO C 209 44.63 18.00 36.27
C PRO C 209 46.10 17.69 35.96
N VAL C 210 46.33 17.06 34.81
CA VAL C 210 47.69 16.74 34.38
C VAL C 210 48.10 17.76 33.32
N THR C 211 49.34 18.22 33.40
CA THR C 211 49.82 19.18 32.41
C THR C 211 51.10 18.67 31.76
N LYS C 212 51.28 18.98 30.48
CA LYS C 212 52.48 18.59 29.75
C LYS C 212 53.06 19.87 29.16
N SER C 213 54.38 19.93 29.04
CA SER C 213 54.99 21.13 28.49
C SER C 213 56.38 20.95 27.94
N PHE C 214 56.85 22.00 27.28
CA PHE C 214 58.18 22.04 26.70
C PHE C 214 58.64 23.51 26.70
N ASN C 215 59.92 23.74 26.43
CA ASN C 215 60.49 25.09 26.43
C ASN C 215 60.72 25.79 25.09
N ARG C 216 61.90 25.58 24.53
CA ARG C 216 62.33 26.20 23.27
C ARG C 216 61.29 27.00 22.49
N GLY C 217 60.77 28.06 23.12
CA GLY C 217 59.78 28.90 22.46
C GLY C 217 60.40 30.13 21.82
N GLN D 1 8.92 -0.27 -0.33
CA GLN D 1 9.48 0.38 -1.55
C GLN D 1 10.11 1.74 -1.20
N VAL D 2 9.54 2.80 -1.77
CA VAL D 2 10.02 4.17 -1.54
C VAL D 2 11.49 4.29 -1.93
N GLN D 3 11.89 5.52 -2.24
CA GLN D 3 13.27 5.81 -2.63
C GLN D 3 13.36 7.27 -3.05
N LEU D 4 14.30 7.98 -2.45
CA LEU D 4 14.52 9.38 -2.74
C LEU D 4 15.97 9.57 -3.15
N LEU D 5 16.17 10.04 -4.37
CA LEU D 5 17.50 10.24 -4.91
C LEU D 5 17.95 11.69 -5.05
N GLU D 6 18.88 12.11 -4.19
CA GLU D 6 19.40 13.47 -4.21
C GLU D 6 20.64 13.60 -5.08
N SER D 7 20.86 14.82 -5.59
CA SER D 7 21.98 15.11 -6.47
C SER D 7 23.29 15.12 -5.66
N GLY D 8 24.42 15.13 -6.36
CA GLY D 8 25.72 15.08 -5.69
C GLY D 8 26.09 16.28 -4.84
N PRO D 9 27.25 16.23 -4.16
CA PRO D 9 27.72 17.33 -3.29
C PRO D 9 28.08 18.58 -4.08
N GLU D 10 27.84 19.75 -3.50
CA GLU D 10 28.11 21.00 -4.18
C GLU D 10 29.09 21.90 -3.45
N LEU D 11 30.04 22.42 -4.21
CA LEU D 11 31.05 23.33 -3.70
C LEU D 11 30.81 24.65 -4.42
N LYS D 12 30.38 25.66 -3.67
CA LYS D 12 30.10 26.97 -4.26
C LYS D 12 30.84 28.11 -3.55
N LYS D 13 30.85 29.29 -4.19
CA LYS D 13 31.47 30.50 -3.63
C LYS D 13 30.33 31.49 -3.27
N PRO D 14 30.53 32.37 -2.28
CA PRO D 14 29.46 33.30 -1.92
C PRO D 14 28.82 34.10 -3.08
N GLY D 15 27.51 34.28 -2.99
CA GLY D 15 26.75 35.01 -4.01
C GLY D 15 26.27 34.17 -5.18
N GLU D 16 26.80 32.96 -5.31
CA GLU D 16 26.41 32.08 -6.41
C GLU D 16 25.04 31.42 -6.21
N THR D 17 24.59 30.64 -7.19
CA THR D 17 23.31 29.94 -7.06
C THR D 17 23.52 28.43 -7.14
N VAL D 18 22.70 27.67 -6.41
CA VAL D 18 22.75 26.20 -6.42
C VAL D 18 21.34 25.66 -6.63
N LYS D 19 21.27 24.50 -7.29
CA LYS D 19 19.99 23.83 -7.51
C LYS D 19 20.20 22.35 -7.21
N ILE D 20 19.56 21.88 -6.14
CA ILE D 20 19.65 20.50 -5.73
C ILE D 20 18.39 19.78 -6.21
N SER D 21 18.52 18.52 -6.61
CA SER D 21 17.37 17.75 -7.07
C SER D 21 17.10 16.51 -6.21
N CYS D 22 15.84 16.12 -6.15
CA CYS D 22 15.41 14.95 -5.40
C CYS D 22 14.37 14.17 -6.22
N LYS D 23 14.77 13.02 -6.75
CA LYS D 23 13.88 12.18 -7.55
C LYS D 23 13.19 11.14 -6.68
N ALA D 24 11.87 11.10 -6.76
CA ALA D 24 11.10 10.17 -5.95
C ALA D 24 10.47 9.10 -6.83
N SER D 25 9.70 8.22 -6.21
CA SER D 25 9.02 7.15 -6.93
C SER D 25 7.66 7.63 -7.42
N GLY D 26 7.24 7.12 -8.58
CA GLY D 26 5.95 7.50 -9.12
C GLY D 26 4.82 6.94 -8.26
N TYR D 27 3.59 7.01 -8.76
CA TYR D 27 2.42 6.53 -8.03
C TYR D 27 2.22 7.23 -6.70
N THR D 28 3.33 7.52 -6.03
CA THR D 28 3.28 8.17 -4.73
C THR D 28 3.79 9.62 -4.72
N PHE D 29 4.35 10.08 -5.85
CA PHE D 29 4.89 11.43 -5.95
C PHE D 29 3.93 12.53 -5.56
N THR D 30 2.71 12.50 -6.08
CA THR D 30 1.75 13.54 -5.70
C THR D 30 0.91 13.12 -4.51
N ASN D 31 1.30 12.05 -3.83
CA ASN D 31 0.56 11.60 -2.64
C ASN D 31 1.24 12.03 -1.34
N TYR D 32 2.51 12.42 -1.42
CA TYR D 32 3.23 12.88 -0.23
C TYR D 32 3.73 14.31 -0.44
N GLY D 33 3.76 15.10 0.62
CA GLY D 33 4.29 16.44 0.48
C GLY D 33 5.80 16.38 0.57
N MET D 34 6.50 17.06 -0.33
CA MET D 34 7.95 17.08 -0.31
C MET D 34 8.48 18.22 0.57
N ASN D 35 9.14 17.81 1.65
CA ASN D 35 9.71 18.72 2.62
C ASN D 35 11.21 18.81 2.44
N TRP D 36 11.78 19.89 2.95
CA TRP D 36 13.22 20.07 2.84
C TRP D 36 13.73 20.48 4.20
N VAL D 37 14.79 19.82 4.67
CA VAL D 37 15.34 20.19 5.97
C VAL D 37 16.86 20.30 5.87
N LYS D 38 17.40 21.33 6.52
CA LYS D 38 18.82 21.63 6.49
C LYS D 38 19.48 21.12 7.75
N GLN D 39 20.74 20.72 7.65
CA GLN D 39 21.47 20.23 8.80
C GLN D 39 22.85 20.81 8.70
N ALA D 40 23.10 21.88 9.45
CA ALA D 40 24.42 22.48 9.43
C ALA D 40 25.38 21.52 10.15
N PRO D 41 26.63 21.42 9.68
CA PRO D 41 27.59 20.52 10.32
C PRO D 41 27.53 20.55 11.86
N GLY D 42 27.18 19.42 12.45
CA GLY D 42 27.11 19.31 13.90
C GLY D 42 26.00 20.14 14.52
N LYS D 43 25.03 20.57 13.73
CA LYS D 43 23.93 21.36 14.24
C LYS D 43 22.66 20.51 14.20
N GLY D 44 21.56 21.03 14.70
CA GLY D 44 20.32 20.27 14.70
C GLY D 44 19.70 20.15 13.31
N LEU D 45 18.42 19.82 13.27
CA LEU D 45 17.71 19.69 11.99
C LEU D 45 16.75 20.87 11.87
N LYS D 46 16.80 21.56 10.74
CA LYS D 46 15.94 22.72 10.53
C LYS D 46 14.98 22.56 9.35
N TRP D 47 13.68 22.59 9.65
CA TRP D 47 12.67 22.49 8.59
C TRP D 47 12.64 23.80 7.78
N MET D 48 12.90 23.68 6.49
CA MET D 48 12.89 24.82 5.59
C MET D 48 11.52 25.11 5.01
N GLY D 49 10.66 24.10 5.02
CA GLY D 49 9.33 24.21 4.46
C GLY D 49 9.08 23.04 3.52
N TRP D 50 8.03 23.13 2.71
CA TRP D 50 7.70 22.07 1.75
C TRP D 50 6.99 22.58 0.51
N ILE D 51 6.63 21.64 -0.36
CA ILE D 51 5.91 22.00 -1.54
C ILE D 51 4.85 20.94 -1.87
N ASN D 52 3.65 21.42 -2.16
CA ASN D 52 2.52 20.55 -2.49
C ASN D 52 2.84 19.94 -3.83
N THR D 53 3.02 18.63 -3.86
CA THR D 53 3.33 17.94 -5.10
C THR D 53 2.18 17.87 -6.10
N TYR D 54 0.99 18.21 -5.65
CA TYR D 54 -0.18 18.21 -6.51
C TYR D 54 -0.42 19.59 -7.15
N THR D 55 -0.55 20.62 -6.31
CA THR D 55 -0.79 21.98 -6.80
C THR D 55 0.48 22.72 -7.17
N GLY D 56 1.63 22.18 -6.77
CA GLY D 56 2.89 22.83 -7.07
C GLY D 56 3.25 24.01 -6.18
N GLU D 57 2.37 24.39 -5.25
CA GLU D 57 2.61 25.53 -4.36
C GLU D 57 3.48 25.31 -3.15
N PRO D 58 4.55 26.12 -3.00
CA PRO D 58 5.49 26.03 -1.89
C PRO D 58 5.07 26.82 -0.67
N THR D 59 5.59 26.39 0.48
CA THR D 59 5.33 27.04 1.75
C THR D 59 6.72 27.08 2.37
N TYR D 60 7.22 28.30 2.64
CA TYR D 60 8.54 28.47 3.21
C TYR D 60 8.49 28.83 4.69
N ALA D 61 9.45 28.29 5.44
CA ALA D 61 9.55 28.56 6.87
C ALA D 61 10.11 29.98 7.04
N ASP D 62 9.70 30.65 8.10
CA ASP D 62 10.13 32.02 8.34
C ASP D 62 11.61 32.27 8.09
N ASP D 63 12.46 31.32 8.52
CA ASP D 63 13.89 31.45 8.37
C ASP D 63 14.44 31.21 6.97
N PHE D 64 13.58 30.83 6.03
CA PHE D 64 14.05 30.59 4.67
C PHE D 64 13.23 31.30 3.61
N LYS D 65 12.70 32.46 3.98
CA LYS D 65 11.92 33.27 3.07
C LYS D 65 12.83 34.35 2.51
N GLY D 66 13.20 34.20 1.25
CA GLY D 66 14.03 35.20 0.63
C GLY D 66 14.93 34.67 -0.47
N ARG D 67 15.85 33.79 -0.11
CA ARG D 67 16.80 33.29 -1.08
C ARG D 67 16.59 31.82 -1.43
N PHE D 68 15.42 31.28 -1.06
CA PHE D 68 15.09 29.87 -1.30
C PHE D 68 13.85 29.66 -2.15
N ALA D 69 14.00 28.76 -3.13
CA ALA D 69 12.91 28.46 -4.04
C ALA D 69 12.71 26.97 -4.27
N PHE D 70 11.51 26.48 -3.92
CA PHE D 70 11.13 25.08 -4.11
C PHE D 70 10.33 24.95 -5.40
N SER D 71 10.78 24.09 -6.30
CA SER D 71 10.09 23.82 -7.54
C SER D 71 10.03 22.32 -7.75
N LEU D 72 9.37 21.91 -8.83
CA LEU D 72 9.26 20.50 -9.13
C LEU D 72 9.15 20.25 -10.61
N GLU D 73 9.39 19.01 -11.00
CA GLU D 73 9.35 18.55 -12.37
C GLU D 73 8.44 17.33 -12.37
N THR D 74 7.15 17.56 -12.18
CA THR D 74 6.16 16.48 -12.15
C THR D 74 6.44 15.40 -13.22
N SER D 75 6.72 15.85 -14.43
CA SER D 75 7.01 14.93 -15.53
C SER D 75 8.13 13.93 -15.22
N ALA D 76 9.03 14.30 -14.30
CA ALA D 76 10.15 13.43 -13.97
C ALA D 76 10.19 12.99 -12.50
N SER D 77 9.09 13.22 -11.78
CA SER D 77 8.98 12.83 -10.39
C SER D 77 10.12 13.43 -9.55
N THR D 78 10.60 14.60 -9.98
CA THR D 78 11.71 15.27 -9.31
C THR D 78 11.34 16.60 -8.64
N ALA D 79 11.91 16.83 -7.46
CA ALA D 79 11.70 18.05 -6.69
C ALA D 79 13.06 18.76 -6.56
N TYR D 80 13.08 20.07 -6.74
CA TYR D 80 14.31 20.84 -6.66
C TYR D 80 14.29 21.90 -5.59
N LEU D 81 15.49 22.23 -5.11
CA LEU D 81 15.73 23.26 -4.09
C LEU D 81 16.80 24.16 -4.69
N GLN D 82 16.52 25.47 -4.76
CA GLN D 82 17.49 26.42 -5.29
C GLN D 82 17.77 27.49 -4.23
N ILE D 83 19.05 27.81 -4.05
CA ILE D 83 19.47 28.82 -3.06
C ILE D 83 20.27 29.86 -3.84
N ASN D 84 19.82 31.12 -3.78
CA ASN D 84 20.51 32.17 -4.51
C ASN D 84 21.32 33.00 -3.55
N ASN D 85 22.28 33.72 -4.10
CA ASN D 85 23.13 34.58 -3.31
C ASN D 85 23.60 33.85 -2.07
N LEU D 86 24.25 32.71 -2.33
CA LEU D 86 24.80 31.78 -1.36
C LEU D 86 25.70 32.48 -0.31
N LYS D 87 25.58 32.05 0.95
CA LYS D 87 26.39 32.54 2.07
C LYS D 87 27.15 31.37 2.72
N ASN D 88 28.22 31.66 3.47
CA ASN D 88 29.01 30.60 4.11
C ASN D 88 28.07 29.80 5.01
N GLU D 89 27.12 30.52 5.61
CA GLU D 89 26.14 29.98 6.53
C GLU D 89 25.16 29.01 5.91
N ASP D 90 25.20 28.88 4.59
CA ASP D 90 24.34 27.94 3.87
C ASP D 90 25.02 26.56 3.82
N THR D 91 26.28 26.53 4.24
CA THR D 91 27.05 25.27 4.23
C THR D 91 26.30 24.28 5.10
N ALA D 92 25.79 23.21 4.48
CA ALA D 92 25.06 22.22 5.24
C ALA D 92 24.68 21.08 4.30
N THR D 93 23.94 20.13 4.85
CA THR D 93 23.45 18.98 4.08
C THR D 93 21.96 19.17 3.92
N TYR D 94 21.47 19.15 2.70
CA TYR D 94 20.05 19.34 2.53
C TYR D 94 19.31 18.03 2.24
N PHE D 95 18.30 17.75 3.06
CA PHE D 95 17.45 16.56 2.95
C PHE D 95 16.12 16.90 2.33
N CYS D 96 15.66 16.01 1.47
CA CYS D 96 14.37 16.11 0.82
C CYS D 96 13.62 14.97 1.53
N VAL D 97 12.48 15.29 2.12
CA VAL D 97 11.71 14.34 2.91
C VAL D 97 10.23 14.28 2.54
N GLN D 98 9.68 13.07 2.39
CA GLN D 98 8.27 12.94 2.07
C GLN D 98 7.52 12.73 3.37
N ALA D 99 6.41 13.44 3.51
CA ALA D 99 5.60 13.34 4.71
C ALA D 99 4.20 12.88 4.33
N GLU D 100 3.62 12.05 5.19
CA GLU D 100 2.28 11.53 5.01
C GLU D 100 1.30 12.49 5.70
N ARG D 101 0.19 12.78 5.03
CA ARG D 101 -0.83 13.70 5.55
C ARG D 101 -1.50 13.23 6.83
N LEU D 102 -1.94 11.98 6.85
CA LEU D 102 -2.60 11.44 8.03
C LEU D 102 -1.71 11.45 9.26
N ARG D 103 -0.62 10.68 9.21
CA ARG D 103 0.31 10.61 10.34
C ARG D 103 1.11 11.89 10.55
N ARG D 104 1.30 12.67 9.49
CA ARG D 104 2.05 13.93 9.59
C ARG D 104 3.51 13.66 9.94
N THR D 105 4.02 12.56 9.39
CA THR D 105 5.39 12.13 9.66
C THR D 105 6.36 12.39 8.51
N PHE D 106 7.65 12.51 8.83
CA PHE D 106 8.67 12.66 7.79
C PHE D 106 9.08 11.20 7.57
N ASP D 107 8.28 10.53 6.74
CA ASP D 107 8.46 9.11 6.44
C ASP D 107 9.75 8.70 5.76
N TYR D 108 9.99 9.18 4.53
CA TYR D 108 11.20 8.83 3.83
C TYR D 108 12.10 10.03 3.58
N TRP D 109 13.40 9.86 3.86
CA TRP D 109 14.36 10.92 3.69
C TRP D 109 15.34 10.55 2.58
N GLY D 110 15.78 11.54 1.81
CA GLY D 110 16.76 11.26 0.78
C GLY D 110 18.08 11.09 1.50
N ALA D 111 19.18 10.88 0.79
CA ALA D 111 20.47 10.74 1.44
C ALA D 111 21.01 12.09 1.93
N GLY D 112 20.57 13.18 1.31
CA GLY D 112 21.05 14.49 1.69
C GLY D 112 22.12 14.95 0.73
N THR D 113 22.07 16.21 0.34
CA THR D 113 23.06 16.77 -0.56
C THR D 113 23.84 17.81 0.25
N THR D 114 25.15 17.63 0.28
CA THR D 114 26.05 18.49 1.02
C THR D 114 26.46 19.68 0.17
N VAL D 115 26.22 20.89 0.68
CA VAL D 115 26.62 22.08 -0.04
C VAL D 115 27.71 22.82 0.75
N THR D 116 28.80 23.17 0.09
CA THR D 116 29.86 23.89 0.78
C THR D 116 30.09 25.24 0.11
N VAL D 117 29.86 26.32 0.85
CA VAL D 117 30.05 27.67 0.30
C VAL D 117 31.29 28.26 0.94
N SER D 118 32.28 28.58 0.11
CA SER D 118 33.54 29.16 0.61
C SER D 118 34.22 29.86 -0.57
N SER D 119 35.04 30.88 -0.30
CA SER D 119 35.72 31.58 -1.39
C SER D 119 37.14 31.01 -1.58
N ALA D 120 37.50 30.04 -0.74
CA ALA D 120 38.81 29.43 -0.82
C ALA D 120 39.07 28.73 -2.15
N SER D 121 40.35 28.68 -2.51
CA SER D 121 40.76 28.05 -3.75
C SER D 121 41.34 26.66 -3.41
N THR D 122 41.15 25.71 -4.32
CA THR D 122 41.67 24.37 -4.13
C THR D 122 43.13 24.50 -3.70
N LYS D 123 43.50 23.80 -2.63
CA LYS D 123 44.88 23.88 -2.14
C LYS D 123 45.31 22.59 -1.47
N GLY D 124 46.50 22.10 -1.86
CA GLY D 124 47.02 20.89 -1.27
C GLY D 124 47.53 21.21 0.11
N PRO D 125 47.52 20.24 1.05
CA PRO D 125 48.00 20.50 2.40
C PRO D 125 49.50 20.51 2.54
N SER D 126 49.94 20.91 3.74
CA SER D 126 51.34 20.92 4.09
C SER D 126 51.42 19.87 5.19
N VAL D 127 52.31 18.92 5.05
CA VAL D 127 52.43 17.88 6.07
C VAL D 127 53.66 18.03 6.95
N PHE D 128 53.40 18.26 8.22
CA PHE D 128 54.47 18.44 9.18
C PHE D 128 54.46 17.28 10.16
N PRO D 129 55.65 16.89 10.66
CA PRO D 129 55.77 15.78 11.63
C PRO D 129 55.42 16.17 13.06
N LEU D 130 54.86 15.22 13.79
CA LEU D 130 54.51 15.38 15.18
C LEU D 130 55.48 14.39 15.85
N ALA D 131 56.73 14.82 16.02
CA ALA D 131 57.78 13.96 16.56
C ALA D 131 57.56 13.37 17.94
N PRO D 132 57.94 12.09 18.10
CA PRO D 132 57.78 11.43 19.40
C PRO D 132 58.76 12.07 20.37
N SER D 133 58.35 12.23 21.62
CA SER D 133 59.18 12.83 22.65
C SER D 133 60.60 12.28 22.57
N SER D 134 61.55 13.18 22.29
CA SER D 134 62.95 12.81 22.18
C SER D 134 63.60 12.84 23.57
N LYS D 135 63.40 13.93 24.29
CA LYS D 135 63.96 14.09 25.63
C LYS D 135 63.28 13.11 26.59
N SER D 136 62.57 12.15 26.02
CA SER D 136 61.87 11.13 26.79
C SER D 136 61.63 9.95 25.87
N THR D 137 62.70 9.46 25.25
CA THR D 137 62.62 8.33 24.33
C THR D 137 61.87 7.17 24.96
N SER D 138 61.94 7.06 26.28
CA SER D 138 61.25 5.98 27.01
C SER D 138 59.85 6.41 27.42
N GLY D 139 59.15 5.52 28.12
CA GLY D 139 57.79 5.80 28.56
C GLY D 139 56.88 4.67 28.13
N GLY D 140 57.50 3.60 27.65
CA GLY D 140 56.75 2.44 27.20
C GLY D 140 56.15 2.72 25.85
N THR D 141 55.16 3.60 25.83
CA THR D 141 54.48 3.98 24.60
C THR D 141 54.90 5.38 24.19
N ALA D 142 55.18 5.55 22.90
CA ALA D 142 55.58 6.82 22.32
C ALA D 142 54.41 7.49 21.60
N ALA D 143 54.59 8.78 21.30
CA ALA D 143 53.61 9.66 20.63
C ALA D 143 53.50 9.42 19.13
N LEU D 144 54.09 10.29 18.32
CA LEU D 144 54.08 10.13 16.85
C LEU D 144 52.81 10.56 16.08
N GLY D 145 53.01 11.32 15.01
CA GLY D 145 51.86 11.74 14.22
C GLY D 145 52.25 12.67 13.10
N CYS D 146 51.26 13.14 12.36
CA CYS D 146 51.46 14.08 11.26
C CYS D 146 50.36 15.16 11.28
N LEU D 147 50.74 16.41 10.98
CA LEU D 147 49.80 17.53 10.94
C LEU D 147 49.58 17.91 9.48
N VAL D 148 48.38 17.70 8.97
CA VAL D 148 48.08 18.02 7.59
C VAL D 148 47.25 19.30 7.64
N LYS D 149 47.91 20.40 7.38
CA LYS D 149 47.23 21.67 7.48
C LYS D 149 47.15 22.51 6.23
N ASP D 150 46.16 23.38 6.25
CA ASP D 150 45.89 24.32 5.20
C ASP D 150 45.61 23.73 3.86
N TYR D 151 44.53 22.96 3.77
CA TYR D 151 44.13 22.40 2.49
C TYR D 151 42.68 22.74 2.24
N PHE D 152 42.24 22.60 1.00
CA PHE D 152 40.86 22.86 0.63
C PHE D 152 40.64 22.38 -0.79
N PRO D 153 39.48 21.74 -1.05
CA PRO D 153 38.39 21.46 -0.10
C PRO D 153 38.67 20.10 0.55
N GLU D 154 37.74 19.62 1.36
CA GLU D 154 37.82 18.31 1.98
C GLU D 154 37.52 17.32 0.83
N PRO D 155 37.90 16.04 0.98
CA PRO D 155 38.60 15.44 2.10
C PRO D 155 40.07 15.19 1.83
N VAL D 156 40.70 14.61 2.83
CA VAL D 156 42.11 14.22 2.77
C VAL D 156 42.10 12.79 3.34
N THR D 157 42.98 11.93 2.85
CA THR D 157 43.05 10.57 3.41
C THR D 157 44.46 10.39 3.95
N VAL D 158 44.58 9.75 5.11
CA VAL D 158 45.87 9.54 5.74
C VAL D 158 46.08 8.09 6.17
N SER D 159 47.19 7.51 5.74
CA SER D 159 47.52 6.14 6.15
C SER D 159 48.91 6.18 6.72
N TRP D 160 49.32 5.09 7.37
CA TRP D 160 50.63 4.99 7.96
C TRP D 160 51.35 3.77 7.43
N ASN D 161 52.57 3.98 6.95
CA ASN D 161 53.38 2.90 6.42
C ASN D 161 52.62 2.19 5.29
N SER D 162 52.11 3.00 4.36
CA SER D 162 51.37 2.51 3.22
C SER D 162 50.21 1.59 3.62
N GLY D 163 49.75 1.71 4.85
CA GLY D 163 48.64 0.89 5.28
C GLY D 163 48.94 -0.26 6.23
N ALA D 164 50.22 -0.59 6.40
CA ALA D 164 50.61 -1.71 7.27
C ALA D 164 50.38 -1.40 8.74
N LEU D 165 50.33 -0.10 9.04
CA LEU D 165 50.13 0.35 10.40
C LEU D 165 48.73 0.94 10.59
N THR D 166 47.90 0.27 11.39
CA THR D 166 46.54 0.73 11.65
C THR D 166 46.21 0.69 13.14
N SER D 167 46.91 -0.12 13.92
CA SER D 167 46.59 -0.17 15.34
C SER D 167 47.17 1.05 16.05
N GLY D 168 46.37 1.64 16.93
CA GLY D 168 46.79 2.82 17.65
C GLY D 168 46.61 4.12 16.88
N VAL D 169 46.39 4.02 15.57
CA VAL D 169 46.23 5.20 14.71
C VAL D 169 44.93 5.96 14.98
N HIS D 170 45.02 7.28 15.09
CA HIS D 170 43.82 8.10 15.31
C HIS D 170 43.89 9.29 14.39
N THR D 171 43.05 9.31 13.37
CA THR D 171 43.04 10.41 12.42
C THR D 171 41.82 11.24 12.78
N PHE D 172 42.05 12.45 13.27
CA PHE D 172 40.95 13.31 13.70
C PHE D 172 40.18 14.02 12.62
N PRO D 173 38.90 14.32 12.90
CA PRO D 173 38.11 15.02 11.89
C PRO D 173 38.73 16.42 11.69
N ALA D 174 38.76 16.87 10.45
CA ALA D 174 39.31 18.16 10.11
C ALA D 174 38.59 19.29 10.84
N VAL D 175 39.24 20.44 10.88
CA VAL D 175 38.70 21.62 11.54
C VAL D 175 38.87 22.77 10.54
N LEU D 176 37.84 23.59 10.39
CA LEU D 176 37.91 24.71 9.47
C LEU D 176 38.60 25.85 10.23
N GLN D 177 39.68 26.35 9.66
CA GLN D 177 40.44 27.42 10.29
C GLN D 177 39.84 28.78 9.89
N SER D 178 40.27 29.84 10.58
CA SER D 178 39.79 31.21 10.34
C SER D 178 40.10 31.66 8.94
N SER D 179 41.14 31.07 8.36
CA SER D 179 41.56 31.39 7.01
C SER D 179 40.61 30.78 6.00
N GLY D 180 39.75 29.88 6.46
CA GLY D 180 38.84 29.20 5.56
C GLY D 180 39.51 27.95 5.00
N LEU D 181 40.68 27.61 5.54
CA LEU D 181 41.41 26.42 5.11
C LEU D 181 41.23 25.33 6.18
N TYR D 182 41.32 24.05 5.77
CA TYR D 182 41.14 22.98 6.74
C TYR D 182 42.47 22.49 7.24
N SER D 183 42.45 21.91 8.44
CA SER D 183 43.64 21.33 9.06
C SER D 183 43.22 20.17 9.95
N LEU D 184 44.11 19.20 10.12
CA LEU D 184 43.85 18.05 10.99
C LEU D 184 45.13 17.31 11.30
N SER D 185 45.08 16.48 12.33
CA SER D 185 46.22 15.67 12.71
C SER D 185 45.84 14.19 12.72
N SER D 186 46.85 13.35 12.51
CA SER D 186 46.72 11.90 12.51
C SER D 186 47.82 11.45 13.44
N VAL D 187 47.43 10.79 14.52
CA VAL D 187 48.41 10.31 15.49
C VAL D 187 48.44 8.77 15.58
N VAL D 188 49.50 8.23 16.17
CA VAL D 188 49.69 6.78 16.34
C VAL D 188 50.48 6.51 17.59
N THR D 189 50.04 5.57 18.40
CA THR D 189 50.79 5.23 19.62
C THR D 189 51.59 3.96 19.35
N VAL D 190 52.92 4.08 19.46
CA VAL D 190 53.83 2.96 19.22
C VAL D 190 54.73 2.65 20.43
N PRO D 191 55.45 1.50 20.39
CA PRO D 191 56.31 1.22 21.55
C PRO D 191 57.59 2.03 21.46
N SER D 192 57.92 2.74 22.52
CA SER D 192 59.12 3.56 22.55
C SER D 192 60.31 2.73 22.09
N SER D 193 60.29 1.44 22.39
CA SER D 193 61.39 0.54 22.02
C SER D 193 61.55 0.41 20.52
N SER D 194 60.50 0.71 19.76
CA SER D 194 60.57 0.61 18.30
C SER D 194 61.19 1.85 17.67
N LEU D 195 61.22 2.94 18.44
CA LEU D 195 61.78 4.20 17.95
C LEU D 195 63.25 4.06 17.57
N GLY D 196 63.54 4.24 16.28
CA GLY D 196 64.91 4.13 15.82
C GLY D 196 65.11 2.87 14.99
N THR D 197 64.24 1.89 15.19
CA THR D 197 64.33 0.65 14.44
C THR D 197 63.19 0.62 13.43
N GLN D 198 61.98 0.91 13.90
CA GLN D 198 60.81 0.91 13.04
C GLN D 198 60.56 2.30 12.46
N THR D 199 60.64 2.42 11.14
CA THR D 199 60.42 3.69 10.49
C THR D 199 58.91 3.94 10.34
N TYR D 200 58.51 5.20 10.47
CA TYR D 200 57.11 5.61 10.38
C TYR D 200 56.90 6.73 9.39
N ILE D 201 56.05 6.46 8.40
CA ILE D 201 55.75 7.42 7.34
C ILE D 201 54.25 7.61 7.22
N CYS D 202 53.80 8.87 7.19
CA CYS D 202 52.38 9.12 7.02
C CYS D 202 52.14 9.34 5.54
N ASN D 203 51.09 8.70 5.04
CA ASN D 203 50.75 8.82 3.64
C ASN D 203 49.51 9.71 3.56
N VAL D 204 49.69 10.93 3.05
CA VAL D 204 48.58 11.87 2.97
C VAL D 204 48.23 12.16 1.53
N ASN D 205 46.97 12.00 1.20
CA ASN D 205 46.55 12.27 -0.16
C ASN D 205 45.36 13.23 -0.19
N HIS D 206 45.47 14.24 -1.05
CA HIS D 206 44.40 15.21 -1.23
C HIS D 206 44.08 15.15 -2.71
N LYS D 207 43.00 14.44 -3.06
CA LYS D 207 42.62 14.28 -4.46
C LYS D 207 42.20 15.59 -5.13
N PRO D 208 41.41 16.43 -4.45
CA PRO D 208 41.04 17.67 -5.14
C PRO D 208 42.24 18.40 -5.68
N SER D 209 43.32 18.44 -4.91
CA SER D 209 44.52 19.15 -5.35
C SER D 209 45.48 18.19 -6.05
N ASN D 210 45.13 16.90 -6.03
CA ASN D 210 45.94 15.87 -6.64
C ASN D 210 47.31 15.85 -5.95
N THR D 211 47.27 15.92 -4.63
CA THR D 211 48.48 15.93 -3.80
C THR D 211 48.63 14.59 -3.09
N LYS D 212 49.86 14.08 -3.09
CA LYS D 212 50.20 12.82 -2.44
C LYS D 212 51.56 13.04 -1.79
N VAL D 213 51.62 12.99 -0.46
CA VAL D 213 52.88 13.19 0.22
C VAL D 213 53.14 12.16 1.32
N ASP D 214 54.36 11.63 1.35
CA ASP D 214 54.75 10.65 2.37
C ASP D 214 55.75 11.34 3.28
N LYS D 215 55.46 11.36 4.57
CA LYS D 215 56.33 12.03 5.51
C LYS D 215 56.88 11.08 6.57
N LYS D 216 58.20 11.00 6.62
CA LYS D 216 58.88 10.17 7.59
C LYS D 216 58.94 10.96 8.89
N VAL D 217 58.60 10.30 9.99
CA VAL D 217 58.58 10.94 11.32
C VAL D 217 59.60 10.32 12.26
#